data_8XJM
#
_entry.id   8XJM
#
_cell.length_a   1.00
_cell.length_b   1.00
_cell.length_c   1.00
_cell.angle_alpha   90.00
_cell.angle_beta   90.00
_cell.angle_gamma   90.00
#
_symmetry.space_group_name_H-M   'P 1'
#
loop_
_entity.id
_entity.type
_entity.pdbx_description
1 polymer 'Engineered miniGq'
2 polymer 'Guanine nucleotide-binding protein G(I)/G(S)/G(T) subunit beta-1'
3 polymer 'Guanine nucleotide-binding protein G(I)/G(S)/G(O) subunit gamma-2'
4 polymer 'Antibody fragment scFv16'
5 polymer 'Fusion tag,Prostaglandin F2-alpha receptor,LgBiT'
6 non-polymer 'Z-7-[(1R,2R,3R,5S)-3,5-bis(oxidanyl)-2-[(3R)-3-oxidanyl-5-phenyl-pentyl]cyclopentyl]hept-5-enoic acid'
#
loop_
_entity_poly.entity_id
_entity_poly.type
_entity_poly.pdbx_seq_one_letter_code
_entity_poly.pdbx_strand_id
1 'polypeptide(L)'
;MGSTVSAEDKAAAERSKMIDKNLREDGEKARRTLRLLLLGADNSGKSTIVKQMRILHGGSGGSGGTSGIFETKFQVDKVN
FHMFDVGGQRDERRKWIQCFNDVTAIIFVVDSSDYNRLQEALNDFKSIWNNRWLRTISVILFLNKQDLLAEKVLAGKSKI
EDYFPEFARYTTPEDATPEPGEDPRVTRAKYFIRKEFVDISTASGDGRHICYPHFTCAVDTENARRIFNDCKDIILQMNL
REYNLV
;
A
2 'polypeptide(L)'
;MHHHHHHGSSGSELDQLRQEAEQLKNQIRDARKACADATLSQITNNIDPVGRIQMRTRRTLRGHLAKIYAMHWGTDSRLL
VSASQDGKLIIWDSYTTNKVHAIPLRSSWVMTCAYAPSGNYVACGGLDNICSIYNLKTREGNVRVSRELAGHTGYLSCCR
FLDDNQIVTSSGDTTCALWDIETGQQTTTFTGHTGDVMSLSLAPDTRLFVSGACDASAKLWDVREGMCRQTFTGHESDIN
AICFFPNGNAFATGSDDATCRLFDLRADQELMTYSHDNIICGITSVSFSKSGRLLLAGYDDFNCNVWDALKADRAGVLAG
HDNRVSCLGVTDDGMAVATGSWDSFLKIWNGSSGGGGSGGGGSSGVSGWRLFKKIS
;
B
3 'polypeptide(L)' MASNNTASIAQARKLVEQLKMEANIDRIKVSKAAADLMAYCEAHAKEDPLLTPVPASENPFREKKFFCAIL C
4 'polypeptide(L)'
;VQLVESGGGLVQPGGSRKLSCSASGFAFSSFGMHWVRQAPEKGLEWVAYISSGSGTIYYADTVKGRFTISRDDPKNTLFL
QMTSLRSEDTAMYYCVRSIYYYGSSPFDFWGQGTTLTVSSGGGGSGGGGSGGGGSDIVMTQATSSVPVTPGESVSISCRS
SKSLLHSNGNTYLYWFLQRPGQSPQLLIYRMSNLASGVPDRFSGSGSGTAFTLTISRLEAEDVGVYYCMQHLEYPLTFGA
GTKLELLEENLYFQ
;
E
5 'polypeptide(L)'
;DYKDDDDHHHHHHHHGQPGNGSAFLLAPNGSHAPDHNVTQQRDEGGSGQPGNGSAFLLAPNGSHAPDHNVTQQRDEENLY
FQGVDMSMNNSKQLVSPAAALLSNTTCQTENRLSVFFSVIFMTVGILSNSLAIAILMKAYQRFRQKSKASFLLLASGLVI
TDFFGHLINGAIAVFVYASDKEWIRFDQSNVLCSIFGICMVFSGLCPLLLGSVMAIERCIGVTKPIFHSTKITSKHVKMM
LSGVCLFAVFIALLPILGHRDYKIQASRTWCFYNTEDIKDWEDRFYLLLFSFLGLLALGVSLLCNAITGITLLRVKFKSQ
QHRQGRSHHLEMVIQLLAIMCVSCICWSPFLVTMANIGINGNHSLETCETTLFALRMATWNQILDPWVYILLRKAVLKNL
YKLASQCCGVHVGSSGGGGSGGGGSSGAAAVFTLEDFVGDWEQTAAYNLDQVLEQGGVSSLLQNLAVSVTPIQRIVRSGE
NALKIDIHVIIPYEGLSADQMAQIEEVFKVVYPVDDHHFKVILPYGTLVIDGVTPNMLNYFGRPYEGIAVFDGKKITVTG
TLWNGNKIIDERLITPDGSMLFRVTINS
;
R
#
loop_
_chem_comp.id
_chem_comp.type
_chem_comp.name
_chem_comp.formula
7WT non-polymer 'Z-7-[(1R,2R,3R,5S)-3,5-bis(oxidanyl)-2-[(3R)-3-oxidanyl-5-phenyl-pentyl]cyclopentyl]hept-5-enoic acid' 'C23 H34 O5'
#
# COMPACT_ATOMS: atom_id res chain seq x y z
N VAL A 5 26.15 -2.69 -2.35
CA VAL A 5 25.19 -3.79 -2.40
C VAL A 5 25.93 -5.11 -2.62
N SER A 6 25.74 -6.04 -1.69
CA SER A 6 26.44 -7.32 -1.74
C SER A 6 25.73 -8.29 -2.70
N ALA A 7 26.35 -9.46 -2.89
CA ALA A 7 25.79 -10.45 -3.79
C ALA A 7 24.45 -10.99 -3.28
N GLU A 8 24.35 -11.20 -1.97
CA GLU A 8 23.08 -11.66 -1.40
C GLU A 8 22.03 -10.57 -1.39
N ASP A 9 22.46 -9.31 -1.23
CA ASP A 9 21.51 -8.20 -1.28
C ASP A 9 20.86 -8.07 -2.66
N LYS A 10 21.64 -8.26 -3.73
CA LYS A 10 21.07 -8.23 -5.06
C LYS A 10 20.05 -9.34 -5.26
N ALA A 11 20.35 -10.53 -4.76
CA ALA A 11 19.38 -11.63 -4.81
C ALA A 11 18.16 -11.32 -3.96
N ALA A 12 18.35 -10.66 -2.82
CA ALA A 12 17.23 -10.25 -1.99
C ALA A 12 16.40 -9.17 -2.68
N ALA A 13 17.07 -8.20 -3.32
CA ALA A 13 16.36 -7.14 -4.02
C ALA A 13 15.60 -7.69 -5.22
N GLU A 14 16.19 -8.68 -5.92
CA GLU A 14 15.48 -9.33 -7.01
C GLU A 14 14.26 -10.10 -6.50
N ARG A 15 14.35 -10.68 -5.31
CA ARG A 15 13.19 -11.32 -4.70
C ARG A 15 12.11 -10.29 -4.39
N SER A 16 12.51 -9.10 -3.92
CA SER A 16 11.54 -8.05 -3.64
C SER A 16 10.80 -7.61 -4.89
N LYS A 17 11.51 -7.49 -6.01
CA LYS A 17 10.88 -7.07 -7.26
C LYS A 17 9.94 -8.14 -7.79
N MET A 18 10.26 -9.41 -7.58
CA MET A 18 9.32 -10.47 -7.96
C MET A 18 8.07 -10.43 -7.10
N ILE A 19 8.20 -10.02 -5.84
CA ILE A 19 7.03 -9.82 -5.00
C ILE A 19 6.22 -8.63 -5.50
N ASP A 20 6.89 -7.53 -5.84
CA ASP A 20 6.18 -6.34 -6.32
C ASP A 20 5.43 -6.61 -7.61
N LYS A 21 5.97 -7.45 -8.48
CA LYS A 21 5.28 -7.79 -9.71
C LYS A 21 3.97 -8.52 -9.44
N ASN A 22 3.98 -9.47 -8.50
CA ASN A 22 2.76 -10.19 -8.17
C ASN A 22 1.79 -9.35 -7.33
N LEU A 23 2.30 -8.36 -6.60
CA LEU A 23 1.40 -7.44 -5.90
C LEU A 23 0.60 -6.61 -6.88
N ARG A 24 1.23 -6.16 -7.97
CA ARG A 24 0.52 -5.37 -8.97
C ARG A 24 -0.42 -6.23 -9.78
N GLU A 25 -0.03 -7.47 -10.08
CA GLU A 25 -0.90 -8.35 -10.86
C GLU A 25 -2.18 -8.68 -10.10
N ASP A 26 -2.07 -8.93 -8.79
CA ASP A 26 -3.27 -9.22 -8.00
C ASP A 26 -4.10 -7.97 -7.79
N GLY A 27 -3.46 -6.80 -7.65
CA GLY A 27 -4.22 -5.56 -7.52
C GLY A 27 -5.04 -5.23 -8.74
N GLU A 28 -4.49 -5.48 -9.93
CA GLU A 28 -5.25 -5.27 -11.16
C GLU A 28 -6.40 -6.27 -11.28
N LYS A 29 -6.18 -7.50 -10.82
CA LYS A 29 -7.26 -8.49 -10.84
C LYS A 29 -8.39 -8.09 -9.88
N ALA A 30 -8.03 -7.51 -8.73
CA ALA A 30 -9.05 -7.09 -7.78
C ALA A 30 -9.87 -5.93 -8.31
N ARG A 31 -9.28 -5.09 -9.16
CA ARG A 31 -10.00 -3.95 -9.72
C ARG A 31 -10.94 -4.33 -10.85
N ARG A 32 -10.90 -5.56 -11.34
CA ARG A 32 -11.78 -5.98 -12.41
C ARG A 32 -13.18 -6.31 -11.92
N THR A 33 -13.40 -6.33 -10.61
CA THR A 33 -14.72 -6.56 -10.02
C THR A 33 -15.14 -5.34 -9.21
N LEU A 34 -16.45 -5.11 -9.16
CA LEU A 34 -17.02 -4.03 -8.38
C LEU A 34 -17.53 -4.59 -7.06
N ARG A 35 -17.15 -3.95 -5.95
CA ARG A 35 -17.47 -4.42 -4.61
C ARG A 35 -18.69 -3.69 -4.08
N LEU A 36 -19.65 -4.44 -3.56
CA LEU A 36 -20.89 -3.90 -3.02
C LEU A 36 -21.07 -4.34 -1.57
N LEU A 37 -21.67 -3.47 -0.77
CA LEU A 37 -21.99 -3.77 0.61
C LEU A 37 -23.50 -3.89 0.76
N LEU A 38 -23.96 -5.02 1.29
CA LEU A 38 -25.38 -5.27 1.48
C LEU A 38 -25.75 -4.97 2.93
N LEU A 39 -26.73 -4.09 3.11
CA LEU A 39 -27.18 -3.68 4.43
C LEU A 39 -28.70 -3.71 4.48
N GLY A 40 -29.23 -3.88 5.69
CA GLY A 40 -30.66 -3.90 5.87
C GLY A 40 -31.02 -4.48 7.22
N ALA A 41 -32.31 -4.39 7.54
CA ALA A 41 -32.82 -4.91 8.79
C ALA A 41 -33.09 -6.41 8.68
N ASP A 42 -33.63 -6.99 9.75
CA ASP A 42 -33.91 -8.42 9.76
C ASP A 42 -35.06 -8.77 8.83
N ASN A 43 -36.06 -7.89 8.75
CA ASN A 43 -37.24 -8.12 7.92
C ASN A 43 -37.11 -7.52 6.53
N SER A 44 -35.94 -6.97 6.18
CA SER A 44 -35.77 -6.34 4.89
C SER A 44 -35.93 -7.33 3.74
N GLY A 45 -35.42 -8.54 3.92
CA GLY A 45 -35.42 -9.49 2.82
C GLY A 45 -34.27 -9.34 1.86
N LYS A 46 -33.17 -8.74 2.30
CA LYS A 46 -32.02 -8.51 1.42
C LYS A 46 -31.45 -9.83 0.90
N SER A 47 -31.62 -10.92 1.64
CA SER A 47 -31.14 -12.21 1.18
C SER A 47 -31.86 -12.65 -0.09
N THR A 48 -33.17 -12.42 -0.16
CA THR A 48 -33.92 -12.83 -1.34
C THR A 48 -33.53 -12.02 -2.57
N ILE A 49 -33.13 -10.76 -2.38
CA ILE A 49 -32.62 -9.97 -3.49
C ILE A 49 -31.36 -10.59 -4.05
N VAL A 50 -30.47 -11.05 -3.18
CA VAL A 50 -29.21 -11.63 -3.62
C VAL A 50 -29.43 -12.97 -4.30
N LYS A 51 -30.31 -13.81 -3.74
CA LYS A 51 -30.50 -15.16 -4.26
C LYS A 51 -31.05 -15.14 -5.68
N GLN A 52 -31.99 -14.24 -5.96
CA GLN A 52 -32.53 -14.13 -7.31
C GLN A 52 -31.46 -13.66 -8.30
N MET A 53 -30.63 -12.69 -7.89
CA MET A 53 -29.56 -12.23 -8.77
C MET A 53 -28.52 -13.32 -9.00
N ARG A 54 -28.18 -14.08 -7.96
CA ARG A 54 -27.22 -15.16 -8.09
C ARG A 54 -27.85 -16.36 -8.79
N GLY A 68 -18.02 -15.06 9.17
CA GLY A 68 -18.59 -13.82 9.63
C GLY A 68 -19.09 -12.92 8.50
N ILE A 69 -18.50 -13.08 7.32
CA ILE A 69 -18.84 -12.29 6.15
C ILE A 69 -19.43 -13.22 5.10
N PHE A 70 -20.58 -12.86 4.57
CA PHE A 70 -21.22 -13.60 3.49
C PHE A 70 -20.97 -12.87 2.18
N GLU A 71 -20.50 -13.61 1.17
CA GLU A 71 -20.12 -13.03 -0.10
C GLU A 71 -20.85 -13.75 -1.23
N THR A 72 -21.25 -12.99 -2.25
CA THR A 72 -21.92 -13.53 -3.41
C THR A 72 -21.41 -12.84 -4.66
N LYS A 73 -21.17 -13.63 -5.70
CA LYS A 73 -20.67 -13.11 -6.98
C LYS A 73 -21.73 -13.32 -8.06
N PHE A 74 -22.10 -12.24 -8.73
CA PHE A 74 -23.00 -12.29 -9.87
C PHE A 74 -22.43 -11.42 -10.98
N GLN A 75 -22.81 -11.74 -12.21
CA GLN A 75 -22.27 -11.09 -13.39
C GLN A 75 -23.39 -10.50 -14.22
N VAL A 76 -23.24 -9.23 -14.61
CA VAL A 76 -24.22 -8.52 -15.44
C VAL A 76 -23.47 -7.94 -16.63
N ASP A 77 -23.82 -8.40 -17.83
CA ASP A 77 -23.19 -7.95 -19.07
C ASP A 77 -21.66 -8.09 -19.00
N LYS A 78 -21.21 -9.27 -18.59
CA LYS A 78 -19.79 -9.60 -18.50
C LYS A 78 -19.05 -8.69 -17.53
N VAL A 79 -19.75 -8.19 -16.51
CA VAL A 79 -19.16 -7.38 -15.45
C VAL A 79 -19.39 -8.10 -14.13
N ASN A 80 -18.31 -8.33 -13.40
CA ASN A 80 -18.36 -9.12 -12.17
C ASN A 80 -18.63 -8.22 -10.97
N PHE A 81 -19.60 -8.62 -10.15
CA PHE A 81 -19.96 -7.91 -8.93
C PHE A 81 -19.72 -8.83 -7.74
N HIS A 82 -19.07 -8.30 -6.70
CA HIS A 82 -18.80 -9.04 -5.48
C HIS A 82 -19.44 -8.29 -4.32
N MET A 83 -20.52 -8.84 -3.79
CA MET A 83 -21.33 -8.18 -2.76
C MET A 83 -21.12 -8.87 -1.43
N PHE A 84 -20.90 -8.07 -0.38
CA PHE A 84 -20.59 -8.56 0.95
C PHE A 84 -21.75 -8.27 1.88
N ASP A 85 -22.23 -9.30 2.56
CA ASP A 85 -23.31 -9.17 3.55
C ASP A 85 -22.77 -9.63 4.90
N VAL A 86 -22.42 -8.67 5.75
CA VAL A 86 -21.83 -8.97 7.06
C VAL A 86 -22.94 -9.42 8.00
N GLY A 87 -22.84 -10.65 8.49
CA GLY A 87 -23.82 -11.20 9.40
C GLY A 87 -23.26 -12.25 10.33
N ARG A 93 -22.66 -0.72 14.58
CA ARG A 93 -21.72 -1.15 13.55
C ARG A 93 -20.86 0.02 13.11
N ARG A 94 -20.68 1.00 14.00
CA ARG A 94 -19.89 2.18 13.67
C ARG A 94 -18.40 1.87 13.54
N LYS A 95 -17.97 0.67 13.95
CA LYS A 95 -16.54 0.34 13.96
C LYS A 95 -16.11 -0.44 12.73
N TRP A 96 -16.81 -1.52 12.39
CA TRP A 96 -16.43 -2.32 11.23
C TRP A 96 -16.98 -1.79 9.92
N ILE A 97 -17.80 -0.72 9.96
CA ILE A 97 -18.26 -0.11 8.72
C ILE A 97 -17.12 0.65 8.04
N GLN A 98 -16.07 0.99 8.77
CA GLN A 98 -14.91 1.65 8.18
C GLN A 98 -14.16 0.76 7.21
N CYS A 99 -14.30 -0.57 7.36
CA CYS A 99 -13.62 -1.49 6.44
C CYS A 99 -14.11 -1.30 5.02
N PHE A 100 -15.40 -1.09 4.85
CA PHE A 100 -16.00 -0.91 3.52
C PHE A 100 -16.02 0.57 3.14
N ASN A 101 -14.86 1.22 3.26
CA ASN A 101 -14.72 2.63 2.95
C ASN A 101 -14.52 2.88 1.46
N ASP A 102 -14.20 1.84 0.68
CA ASP A 102 -13.88 2.01 -0.73
C ASP A 102 -14.67 1.04 -1.61
N VAL A 103 -15.87 0.67 -1.17
CA VAL A 103 -16.75 -0.10 -2.04
C VAL A 103 -17.38 0.84 -3.06
N THR A 104 -17.86 0.26 -4.17
CA THR A 104 -18.49 1.08 -5.21
C THR A 104 -19.80 1.65 -4.72
N ALA A 105 -20.64 0.83 -4.11
CA ALA A 105 -21.95 1.29 -3.65
C ALA A 105 -22.39 0.45 -2.45
N ILE A 106 -23.31 1.01 -1.69
CA ILE A 106 -23.97 0.32 -0.57
C ILE A 106 -25.40 0.02 -0.98
N ILE A 107 -25.80 -1.24 -0.87
CA ILE A 107 -27.15 -1.67 -1.20
C ILE A 107 -27.94 -1.74 0.10
N PHE A 108 -28.66 -0.67 0.40
CA PHE A 108 -29.45 -0.60 1.63
C PHE A 108 -30.88 -1.02 1.31
N VAL A 109 -31.37 -2.04 2.03
CA VAL A 109 -32.66 -2.64 1.75
C VAL A 109 -33.58 -2.40 2.94
N VAL A 110 -34.83 -2.03 2.67
CA VAL A 110 -35.83 -1.81 3.69
C VAL A 110 -37.10 -2.57 3.32
N ASP A 111 -37.93 -2.81 4.32
CA ASP A 111 -39.24 -3.45 4.15
C ASP A 111 -40.29 -2.34 4.30
N SER A 112 -40.78 -1.85 3.17
CA SER A 112 -41.72 -0.73 3.20
C SER A 112 -43.10 -1.13 3.69
N SER A 113 -43.42 -2.42 3.66
CA SER A 113 -44.74 -2.86 4.12
C SER A 113 -44.91 -2.61 5.61
N ASP A 114 -43.90 -2.91 6.41
CA ASP A 114 -43.98 -2.81 7.86
C ASP A 114 -43.88 -1.34 8.25
N TYR A 115 -45.03 -0.71 8.52
CA TYR A 115 -45.03 0.70 8.89
C TYR A 115 -44.41 0.94 10.26
N ASN A 116 -44.49 -0.06 11.15
CA ASN A 116 -43.99 0.13 12.51
C ASN A 116 -42.49 0.35 12.54
N ARG A 117 -41.75 -0.38 11.71
CA ARG A 117 -40.29 -0.32 11.70
C ARG A 117 -39.74 0.59 10.61
N LEU A 118 -40.61 1.36 9.93
CA LEU A 118 -40.11 2.29 8.92
C LEU A 118 -39.25 3.39 9.55
N GLN A 119 -39.64 3.87 10.73
CA GLN A 119 -38.86 4.90 11.39
C GLN A 119 -37.49 4.37 11.82
N GLU A 120 -37.41 3.09 12.18
CA GLU A 120 -36.12 2.49 12.45
C GLU A 120 -35.23 2.48 11.21
N ALA A 121 -35.82 2.13 10.06
CA ALA A 121 -35.06 2.14 8.82
C ALA A 121 -34.60 3.53 8.45
N LEU A 122 -35.45 4.54 8.65
CA LEU A 122 -35.06 5.91 8.37
C LEU A 122 -33.90 6.36 9.25
N ASN A 123 -33.93 5.98 10.54
CA ASN A 123 -32.81 6.30 11.41
C ASN A 123 -31.59 5.45 11.07
N ASP A 124 -31.81 4.20 10.67
CA ASP A 124 -30.71 3.36 10.22
C ASP A 124 -30.09 3.93 8.94
N PHE A 125 -30.92 4.37 8.00
CA PHE A 125 -30.42 4.99 6.78
C PHE A 125 -29.69 6.29 7.09
N LYS A 126 -30.20 7.07 8.05
CA LYS A 126 -29.59 8.33 8.40
C LYS A 126 -28.18 8.15 8.95
N SER A 127 -27.98 7.12 9.77
CA SER A 127 -26.65 6.85 10.31
C SER A 127 -25.67 6.46 9.20
N ILE A 128 -26.12 5.62 8.27
CA ILE A 128 -25.25 5.19 7.17
C ILE A 128 -24.94 6.37 6.25
N TRP A 129 -25.97 7.15 5.90
CA TRP A 129 -25.77 8.26 4.96
C TRP A 129 -24.83 9.31 5.55
N ASN A 130 -24.97 9.62 6.83
CA ASN A 130 -24.20 10.67 7.47
C ASN A 130 -22.92 10.14 8.13
N ASN A 131 -22.59 8.88 7.92
CA ASN A 131 -21.37 8.32 8.47
C ASN A 131 -20.15 9.04 7.90
N ARG A 132 -19.15 9.26 8.75
CA ARG A 132 -17.97 10.01 8.32
C ARG A 132 -17.12 9.23 7.32
N TRP A 133 -17.17 7.90 7.38
CA TRP A 133 -16.36 7.05 6.51
C TRP A 133 -17.13 6.53 5.31
N LEU A 134 -18.34 7.05 5.08
CA LEU A 134 -19.13 6.71 3.90
C LEU A 134 -19.61 7.97 3.18
N ARG A 135 -18.88 9.08 3.34
CA ARG A 135 -19.30 10.34 2.74
C ARG A 135 -19.26 10.32 1.23
N THR A 136 -18.42 9.47 0.64
CA THR A 136 -18.28 9.38 -0.81
C THR A 136 -18.89 8.11 -1.37
N ILE A 137 -19.61 7.34 -0.57
CA ILE A 137 -20.20 6.07 -1.00
C ILE A 137 -21.67 6.31 -1.30
N SER A 138 -22.06 6.09 -2.55
CA SER A 138 -23.45 6.23 -2.94
C SER A 138 -24.25 5.00 -2.51
N VAL A 139 -25.50 5.23 -2.14
CA VAL A 139 -26.38 4.20 -1.59
C VAL A 139 -27.42 3.85 -2.64
N ILE A 140 -27.54 2.58 -2.97
CA ILE A 140 -28.54 2.07 -3.90
C ILE A 140 -29.67 1.52 -3.03
N LEU A 141 -30.66 2.37 -2.76
CA LEU A 141 -31.77 1.99 -1.89
C LEU A 141 -32.71 1.05 -2.62
N PHE A 142 -33.10 -0.04 -1.95
CA PHE A 142 -34.03 -1.02 -2.48
C PHE A 142 -35.21 -1.13 -1.53
N LEU A 143 -36.29 -0.40 -1.83
CA LEU A 143 -37.51 -0.45 -1.04
C LEU A 143 -38.23 -1.76 -1.35
N ASN A 144 -37.83 -2.81 -0.64
CA ASN A 144 -38.26 -4.16 -0.94
C ASN A 144 -39.72 -4.39 -0.55
N LYS A 145 -40.29 -5.46 -1.10
CA LYS A 145 -41.64 -5.93 -0.76
C LYS A 145 -42.70 -4.86 -1.07
N GLN A 146 -42.77 -4.50 -2.35
CA GLN A 146 -43.77 -3.54 -2.80
C GLN A 146 -45.15 -4.17 -2.93
N ASP A 147 -45.22 -5.48 -3.23
CA ASP A 147 -46.50 -6.14 -3.34
C ASP A 147 -47.25 -6.13 -2.01
N LEU A 148 -46.54 -6.35 -0.90
CA LEU A 148 -47.16 -6.28 0.41
C LEU A 148 -47.63 -4.86 0.73
N LEU A 149 -46.83 -3.86 0.32
CA LEU A 149 -47.24 -2.47 0.54
C LEU A 149 -48.50 -2.15 -0.24
N ALA A 150 -48.60 -2.62 -1.48
CA ALA A 150 -49.80 -2.37 -2.27
C ALA A 150 -51.03 -3.04 -1.66
N GLU A 151 -50.87 -4.29 -1.20
CA GLU A 151 -51.99 -4.98 -0.56
C GLU A 151 -52.37 -4.33 0.76
N LYS A 152 -51.39 -3.85 1.51
CA LYS A 152 -51.67 -3.23 2.80
C LYS A 152 -52.49 -1.95 2.64
N VAL A 153 -52.17 -1.14 1.63
CA VAL A 153 -52.93 0.07 1.37
C VAL A 153 -54.33 -0.27 0.87
N LEU A 154 -54.44 -1.29 0.02
CA LEU A 154 -55.74 -1.68 -0.52
C LEU A 154 -56.69 -2.15 0.57
N ALA A 155 -56.18 -2.94 1.53
CA ALA A 155 -57.04 -3.41 2.62
C ALA A 155 -57.55 -2.26 3.47
N GLY A 156 -56.69 -1.29 3.78
CA GLY A 156 -57.09 -0.13 4.56
C GLY A 156 -57.18 -0.37 6.05
N LYS A 157 -56.80 -1.55 6.54
CA LYS A 157 -56.85 -1.81 7.98
C LYS A 157 -55.86 -0.93 8.73
N SER A 158 -54.67 -0.73 8.18
CA SER A 158 -53.64 0.08 8.79
C SER A 158 -53.43 1.37 8.00
N LYS A 159 -53.18 2.45 8.71
CA LYS A 159 -53.05 3.78 8.10
C LYS A 159 -51.63 4.29 8.30
N ILE A 160 -51.02 4.79 7.23
CA ILE A 160 -49.70 5.39 7.33
C ILE A 160 -49.74 6.67 8.15
N GLU A 161 -50.89 7.35 8.16
CA GLU A 161 -51.01 8.61 8.89
C GLU A 161 -50.82 8.41 10.39
N ASP A 162 -51.12 7.22 10.90
CA ASP A 162 -50.92 6.96 12.32
C ASP A 162 -49.46 7.05 12.72
N TYR A 163 -48.57 6.52 11.88
CA TYR A 163 -47.13 6.56 12.15
C TYR A 163 -46.48 7.84 11.67
N PHE A 164 -46.94 8.38 10.55
CA PHE A 164 -46.40 9.62 10.00
C PHE A 164 -47.52 10.66 9.89
N PRO A 165 -47.58 11.63 10.80
CA PRO A 165 -48.66 12.64 10.73
C PRO A 165 -48.64 13.47 9.46
N GLU A 166 -47.46 13.71 8.88
CA GLU A 166 -47.37 14.56 7.70
C GLU A 166 -47.90 13.87 6.44
N PHE A 167 -48.21 12.58 6.49
CA PHE A 167 -48.70 11.89 5.30
C PHE A 167 -50.11 12.36 4.93
N ALA A 168 -50.89 12.83 5.91
CA ALA A 168 -52.25 13.25 5.62
C ALA A 168 -52.28 14.48 4.72
N ARG A 169 -51.24 15.30 4.76
CA ARG A 169 -51.16 16.52 3.96
C ARG A 169 -50.22 16.38 2.77
N TYR A 170 -49.87 15.16 2.39
CA TYR A 170 -49.00 14.89 1.26
C TYR A 170 -49.82 14.48 0.05
N THR A 171 -49.48 15.02 -1.11
CA THR A 171 -50.16 14.72 -2.36
C THR A 171 -49.14 14.26 -3.40
N THR A 172 -49.59 13.38 -4.29
CA THR A 172 -48.72 12.88 -5.35
C THR A 172 -48.32 14.02 -6.27
N PRO A 173 -47.04 14.14 -6.61
CA PRO A 173 -46.62 15.23 -7.53
C PRO A 173 -47.27 15.07 -8.90
N GLU A 174 -47.55 16.22 -9.52
CA GLU A 174 -48.14 16.21 -10.86
C GLU A 174 -47.18 15.64 -11.90
N ASP A 175 -45.88 15.81 -11.69
CA ASP A 175 -44.88 15.31 -12.62
C ASP A 175 -44.55 13.84 -12.40
N ALA A 176 -45.16 13.20 -11.41
CA ALA A 176 -44.89 11.79 -11.15
C ALA A 176 -45.37 10.92 -12.30
N THR A 177 -44.72 9.76 -12.46
CA THR A 177 -45.01 8.82 -13.54
C THR A 177 -45.29 7.45 -12.92
N PRO A 178 -46.52 7.23 -12.45
CA PRO A 178 -46.86 5.93 -11.89
C PRO A 178 -46.87 4.83 -12.96
N GLU A 179 -46.67 3.60 -12.51
CA GLU A 179 -46.70 2.47 -13.40
C GLU A 179 -48.12 2.27 -13.94
N PRO A 180 -48.25 1.68 -15.14
CA PRO A 180 -49.59 1.41 -15.68
C PRO A 180 -50.36 0.46 -14.78
N GLY A 181 -51.65 0.73 -14.64
CA GLY A 181 -52.50 -0.10 -13.81
C GLY A 181 -52.22 -0.03 -12.33
N GLU A 182 -51.70 1.10 -11.86
CA GLU A 182 -51.35 1.29 -10.46
C GLU A 182 -52.38 2.17 -9.77
N ASP A 183 -52.87 1.71 -8.62
CA ASP A 183 -53.87 2.47 -7.88
C ASP A 183 -53.27 3.79 -7.39
N PRO A 184 -53.99 4.90 -7.52
CA PRO A 184 -53.46 6.18 -7.02
C PRO A 184 -53.16 6.17 -5.53
N ARG A 185 -53.90 5.41 -4.74
CA ARG A 185 -53.60 5.31 -3.31
C ARG A 185 -52.23 4.70 -3.07
N VAL A 186 -51.89 3.64 -3.82
CA VAL A 186 -50.58 3.02 -3.70
C VAL A 186 -49.50 3.97 -4.19
N THR A 187 -49.77 4.69 -5.29
CA THR A 187 -48.79 5.63 -5.82
C THR A 187 -48.49 6.74 -4.81
N ARG A 188 -49.53 7.25 -4.15
CA ARG A 188 -49.31 8.29 -3.14
C ARG A 188 -48.50 7.77 -1.98
N ALA A 189 -48.74 6.51 -1.56
CA ALA A 189 -47.97 5.94 -0.47
C ALA A 189 -46.52 5.68 -0.87
N LYS A 190 -46.30 5.13 -2.07
CA LYS A 190 -44.94 4.80 -2.49
C LYS A 190 -44.08 6.04 -2.62
N TYR A 191 -44.63 7.11 -3.19
CA TYR A 191 -43.86 8.34 -3.32
C TYR A 191 -43.59 9.00 -1.97
N PHE A 192 -44.50 8.84 -1.02
CA PHE A 192 -44.27 9.39 0.32
C PHE A 192 -43.14 8.67 1.02
N ILE A 193 -43.15 7.33 0.97
CA ILE A 193 -42.09 6.55 1.62
C ILE A 193 -40.75 6.84 0.96
N ARG A 194 -40.73 6.90 -0.37
CA ARG A 194 -39.49 7.22 -1.08
C ARG A 194 -39.02 8.62 -0.73
N LYS A 195 -39.94 9.57 -0.60
CA LYS A 195 -39.56 10.96 -0.30
C LYS A 195 -38.85 11.06 1.05
N GLU A 196 -39.28 10.27 2.02
CA GLU A 196 -38.65 10.31 3.34
C GLU A 196 -37.18 9.92 3.25
N PHE A 197 -36.87 8.86 2.52
CA PHE A 197 -35.47 8.49 2.32
C PHE A 197 -34.73 9.52 1.48
N VAL A 198 -35.38 10.02 0.43
CA VAL A 198 -34.75 11.03 -0.41
C VAL A 198 -34.55 12.33 0.35
N ASP A 199 -35.48 12.67 1.24
CA ASP A 199 -35.32 13.88 2.05
C ASP A 199 -34.08 13.80 2.91
N ILE A 200 -33.80 12.64 3.50
CA ILE A 200 -32.56 12.45 4.25
C ILE A 200 -31.36 12.56 3.31
N SER A 201 -31.46 11.95 2.13
CA SER A 201 -30.34 11.95 1.19
C SER A 201 -30.03 13.36 0.69
N THR A 202 -31.06 14.14 0.38
CA THR A 202 -30.85 15.47 -0.17
C THR A 202 -30.53 16.52 0.90
N ALA A 203 -30.65 16.17 2.18
CA ALA A 203 -30.35 17.12 3.23
C ALA A 203 -28.86 17.38 3.39
N SER A 204 -28.02 16.46 2.92
CA SER A 204 -26.58 16.59 3.08
C SER A 204 -25.88 15.75 2.02
N GLY A 205 -24.59 16.03 1.83
CA GLY A 205 -23.79 15.31 0.86
C GLY A 205 -23.23 16.21 -0.22
N ASP A 206 -24.05 17.14 -0.70
CA ASP A 206 -23.62 18.15 -1.68
C ASP A 206 -23.05 17.51 -2.94
N GLY A 207 -23.65 16.39 -3.36
CA GLY A 207 -23.26 15.73 -4.59
C GLY A 207 -22.09 14.78 -4.46
N ARG A 208 -21.48 14.66 -3.28
CA ARG A 208 -20.40 13.68 -3.10
C ARG A 208 -20.92 12.27 -3.29
N HIS A 209 -22.11 11.98 -2.76
CA HIS A 209 -22.77 10.70 -2.96
C HIS A 209 -24.24 10.94 -3.25
N ILE A 210 -24.84 10.05 -4.02
CA ILE A 210 -26.21 10.16 -4.48
C ILE A 210 -26.95 8.89 -4.11
N CYS A 211 -28.15 9.04 -3.55
CA CYS A 211 -29.01 7.90 -3.30
C CYS A 211 -29.81 7.56 -4.55
N TYR A 212 -29.97 6.26 -4.81
CA TYR A 212 -30.67 5.77 -5.99
C TYR A 212 -31.79 4.83 -5.53
N PRO A 213 -32.93 5.38 -5.12
CA PRO A 213 -34.01 4.54 -4.63
C PRO A 213 -34.64 3.73 -5.75
N HIS A 214 -35.13 2.55 -5.38
CA HIS A 214 -35.84 1.68 -6.30
C HIS A 214 -36.94 0.95 -5.55
N PHE A 215 -37.98 0.57 -6.27
CA PHE A 215 -39.10 -0.19 -5.72
C PHE A 215 -39.00 -1.62 -6.21
N THR A 216 -38.66 -2.54 -5.32
CA THR A 216 -38.47 -3.94 -5.65
C THR A 216 -39.43 -4.80 -4.84
N CYS A 217 -39.65 -6.02 -5.33
CA CYS A 217 -40.50 -6.97 -4.64
C CYS A 217 -39.76 -8.29 -4.43
N ALA A 218 -40.46 -9.31 -3.95
CA ALA A 218 -39.84 -10.60 -3.67
C ALA A 218 -39.66 -11.45 -4.92
N VAL A 219 -40.23 -11.05 -6.05
CA VAL A 219 -40.13 -11.80 -7.30
C VAL A 219 -39.47 -11.01 -8.41
N ASP A 220 -39.12 -9.74 -8.17
CA ASP A 220 -38.49 -8.93 -9.20
C ASP A 220 -37.13 -9.51 -9.58
N THR A 221 -36.90 -9.65 -10.89
CA THR A 221 -35.68 -10.24 -11.40
C THR A 221 -34.79 -9.22 -12.11
N GLU A 222 -35.12 -7.94 -12.02
CA GLU A 222 -34.34 -6.88 -12.65
C GLU A 222 -33.46 -6.12 -11.65
N ASN A 223 -33.30 -6.65 -10.43
CA ASN A 223 -32.50 -5.96 -9.43
C ASN A 223 -31.04 -5.87 -9.85
N ALA A 224 -30.51 -6.93 -10.45
CA ALA A 224 -29.10 -6.96 -10.84
C ALA A 224 -28.79 -5.89 -11.88
N ARG A 225 -29.69 -5.69 -12.85
CA ARG A 225 -29.47 -4.67 -13.86
C ARG A 225 -29.62 -3.27 -13.27
N ARG A 226 -30.51 -3.09 -12.29
CA ARG A 226 -30.65 -1.79 -11.64
C ARG A 226 -29.36 -1.42 -10.91
N ILE A 227 -28.71 -2.40 -10.27
CA ILE A 227 -27.42 -2.15 -9.65
C ILE A 227 -26.39 -1.81 -10.71
N PHE A 228 -26.40 -2.54 -11.82
CA PHE A 228 -25.44 -2.29 -12.90
C PHE A 228 -25.63 -0.90 -13.50
N ASN A 229 -26.87 -0.52 -13.77
CA ASN A 229 -27.13 0.81 -14.33
C ASN A 229 -26.77 1.91 -13.34
N ASP A 230 -27.08 1.70 -12.06
CA ASP A 230 -26.74 2.70 -11.04
C ASP A 230 -25.23 2.79 -10.84
N CYS A 231 -24.54 1.65 -10.90
CA CYS A 231 -23.09 1.66 -10.75
C CYS A 231 -22.41 2.41 -11.89
N LYS A 232 -23.00 2.37 -13.09
CA LYS A 232 -22.46 3.17 -14.19
C LYS A 232 -22.53 4.66 -13.86
N ASP A 233 -23.64 5.11 -13.27
CA ASP A 233 -23.75 6.50 -12.87
C ASP A 233 -22.83 6.83 -11.69
N ILE A 234 -22.62 5.88 -10.78
CA ILE A 234 -21.73 6.11 -9.65
C ILE A 234 -20.28 6.24 -10.14
N ILE A 235 -19.86 5.36 -11.04
CA ILE A 235 -18.52 5.44 -11.60
C ILE A 235 -18.38 6.68 -12.47
N LEU A 236 -19.41 6.99 -13.26
CA LEU A 236 -19.37 8.19 -14.09
C LEU A 236 -19.27 9.45 -13.23
N GLN A 237 -20.02 9.51 -12.12
CA GLN A 237 -19.89 10.64 -11.23
C GLN A 237 -18.49 10.72 -10.61
N MET A 238 -17.88 9.56 -10.35
CA MET A 238 -16.51 9.53 -9.85
C MET A 238 -15.54 10.11 -10.88
N ASN A 239 -15.71 9.75 -12.14
CA ASN A 239 -14.85 10.26 -13.19
C ASN A 239 -15.01 11.76 -13.37
N LEU A 240 -16.24 12.25 -13.28
CA LEU A 240 -16.50 13.68 -13.47
C LEU A 240 -15.83 14.52 -12.41
N ARG A 241 -15.75 14.03 -11.17
CA ARG A 241 -14.99 14.73 -10.15
C ARG A 241 -13.51 14.72 -10.46
N GLU A 242 -13.00 13.60 -10.99
CA GLU A 242 -11.61 13.54 -11.40
C GLU A 242 -11.31 14.51 -12.53
N TYR A 243 -12.21 14.61 -13.51
CA TYR A 243 -11.96 15.48 -14.65
C TYR A 243 -12.11 16.95 -14.28
N ASN A 244 -12.94 17.26 -13.28
CA ASN A 244 -13.22 18.63 -12.89
C ASN A 244 -12.45 19.09 -11.67
N LEU A 245 -12.36 18.28 -10.62
CA LEU A 245 -11.65 18.68 -9.41
C LEU A 245 -10.16 18.39 -9.59
N VAL A 246 -9.54 19.21 -10.44
CA VAL A 246 -8.12 19.07 -10.73
C VAL A 246 -7.36 20.24 -10.11
N SER B 12 -37.19 -6.29 44.10
CA SER B 12 -36.75 -6.15 45.48
C SER B 12 -35.25 -6.41 45.62
N GLU B 13 -34.85 -7.66 45.40
CA GLU B 13 -33.43 -8.02 45.48
C GLU B 13 -32.63 -7.32 44.39
N LEU B 14 -33.17 -7.27 43.18
CA LEU B 14 -32.45 -6.61 42.08
C LEU B 14 -32.30 -5.11 42.35
N ASP B 15 -33.36 -4.47 42.84
CA ASP B 15 -33.29 -3.04 43.16
C ASP B 15 -32.28 -2.77 44.26
N GLN B 16 -32.26 -3.62 45.30
CA GLN B 16 -31.31 -3.44 46.39
C GLN B 16 -29.88 -3.61 45.91
N LEU B 17 -29.63 -4.60 45.05
CA LEU B 17 -28.27 -4.86 44.59
C LEU B 17 -27.73 -3.72 43.75
N ARG B 18 -28.53 -3.19 42.84
CA ARG B 18 -28.06 -2.10 41.99
C ARG B 18 -27.81 -0.81 42.77
N GLN B 19 -28.43 -0.67 43.95
CA GLN B 19 -28.09 0.46 44.81
C GLN B 19 -26.73 0.26 45.45
N GLU B 20 -26.38 -0.97 45.79
CA GLU B 20 -25.07 -1.25 46.37
C GLU B 20 -23.95 -1.00 45.37
N ALA B 21 -24.21 -1.26 44.09
CA ALA B 21 -23.20 -0.97 43.07
C ALA B 21 -22.90 0.52 42.99
N GLU B 22 -23.94 1.35 43.07
CA GLU B 22 -23.73 2.80 43.07
C GLU B 22 -22.94 3.24 44.30
N GLN B 23 -23.22 2.64 45.45
CA GLN B 23 -22.45 2.95 46.65
C GLN B 23 -20.99 2.55 46.49
N LEU B 24 -20.74 1.39 45.86
CA LEU B 24 -19.36 0.96 45.64
C LEU B 24 -18.64 1.89 44.66
N LYS B 25 -19.35 2.35 43.63
CA LYS B 25 -18.74 3.28 42.68
C LYS B 25 -18.36 4.59 43.37
N ASN B 26 -19.21 5.09 44.27
CA ASN B 26 -18.87 6.28 45.03
C ASN B 26 -17.69 6.03 45.96
N GLN B 27 -17.60 4.81 46.51
CA GLN B 27 -16.48 4.47 47.37
C GLN B 27 -15.18 4.50 46.61
N ILE B 28 -15.17 3.95 45.38
CA ILE B 28 -13.97 3.98 44.55
C ILE B 28 -13.63 5.40 44.14
N ARG B 29 -14.65 6.19 43.76
CA ARG B 29 -14.40 7.56 43.34
C ARG B 29 -13.84 8.40 44.48
N ASP B 30 -14.36 8.20 45.71
CA ASP B 30 -13.79 8.88 46.86
C ASP B 30 -12.37 8.39 47.15
N ALA B 31 -12.12 7.09 46.97
CA ALA B 31 -10.78 6.57 47.22
C ALA B 31 -9.77 7.15 46.23
N ARG B 32 -10.15 7.26 44.97
CA ARG B 32 -9.26 7.88 43.98
C ARG B 32 -9.04 9.34 44.28
N LYS B 33 -10.11 10.04 44.69
CA LYS B 33 -9.97 11.46 45.03
C LYS B 33 -9.10 11.65 46.27
N ALA B 34 -9.10 10.68 47.18
CA ALA B 34 -8.29 10.78 48.38
C ALA B 34 -6.80 10.79 48.05
N CYS B 35 -6.38 9.97 47.10
CA CYS B 35 -4.98 9.89 46.71
C CYS B 35 -4.60 10.87 45.61
N ALA B 36 -5.54 11.70 45.16
CA ALA B 36 -5.27 12.72 44.16
C ALA B 36 -4.76 14.01 44.82
N ASP B 37 -3.66 13.85 45.58
CA ASP B 37 -3.10 14.98 46.31
C ASP B 37 -2.56 16.05 45.36
N ALA B 38 -1.90 15.64 44.28
CA ALA B 38 -1.30 16.58 43.33
C ALA B 38 -1.69 16.18 41.91
N THR B 39 -1.25 16.99 40.96
CA THR B 39 -1.45 16.73 39.55
C THR B 39 -0.11 16.50 38.87
N LEU B 40 -0.10 15.61 37.87
CA LEU B 40 1.10 15.38 37.07
C LEU B 40 1.59 16.67 36.42
N SER B 41 0.68 17.55 36.02
CA SER B 41 1.09 18.83 35.45
C SER B 41 1.89 19.66 36.44
N GLN B 42 1.45 19.71 37.70
CA GLN B 42 2.18 20.44 38.72
C GLN B 42 3.54 19.80 38.99
N ILE B 43 3.59 18.46 39.00
CA ILE B 43 4.83 17.76 39.33
C ILE B 43 5.88 18.03 38.25
N THR B 44 5.49 18.01 36.98
CA THR B 44 6.42 18.12 35.87
C THR B 44 6.52 19.55 35.33
N ASN B 45 6.08 20.54 36.11
CA ASN B 45 6.17 21.92 35.65
C ASN B 45 7.62 22.39 35.59
N ASN B 46 8.43 21.95 36.56
CA ASN B 46 9.81 22.44 36.66
C ASN B 46 10.69 21.92 35.55
N ILE B 47 10.46 20.69 35.08
CA ILE B 47 11.34 20.08 34.09
C ILE B 47 11.26 20.84 32.78
N ASP B 48 12.39 20.85 32.05
CA ASP B 48 12.45 21.57 30.79
C ASP B 48 11.66 20.82 29.71
N PRO B 49 11.11 21.54 28.74
CA PRO B 49 10.38 20.88 27.65
C PRO B 49 11.32 20.12 26.73
N VAL B 50 10.74 19.19 25.97
CA VAL B 50 11.50 18.40 25.00
C VAL B 50 11.90 19.21 23.78
N GLY B 51 11.39 20.44 23.64
CA GLY B 51 11.67 21.22 22.45
C GLY B 51 10.80 20.79 21.28
N ARG B 52 11.24 21.15 20.08
CA ARG B 52 10.56 20.77 18.86
C ARG B 52 11.12 19.44 18.35
N ILE B 53 10.23 18.49 18.10
CA ILE B 53 10.61 17.18 17.59
C ILE B 53 10.41 17.19 16.08
N GLN B 54 11.51 17.11 15.33
CA GLN B 54 11.47 17.10 13.88
C GLN B 54 11.89 15.72 13.39
N MET B 55 11.00 15.05 12.68
CA MET B 55 11.28 13.74 12.11
C MET B 55 11.06 13.78 10.60
N ARG B 56 11.96 13.16 9.87
CA ARG B 56 11.89 13.08 8.41
C ARG B 56 11.52 11.66 7.99
N THR B 57 10.90 11.54 6.83
CA THR B 57 10.58 10.24 6.25
C THR B 57 11.85 9.65 5.67
N ARG B 58 12.44 8.68 6.38
CA ARG B 58 13.63 8.00 5.88
C ARG B 58 13.27 6.98 4.80
N ARG B 59 12.16 6.26 4.98
CA ARG B 59 11.75 5.22 4.06
C ARG B 59 10.28 5.38 3.75
N THR B 60 9.90 5.00 2.53
CA THR B 60 8.50 4.87 2.14
C THR B 60 8.31 3.45 1.62
N LEU B 61 7.42 2.71 2.27
CA LEU B 61 7.15 1.33 1.90
C LEU B 61 5.95 1.28 0.96
N ARG B 62 6.21 0.94 -0.30
CA ARG B 62 5.19 0.90 -1.34
C ARG B 62 4.96 -0.54 -1.77
N GLY B 63 3.71 -0.84 -2.13
CA GLY B 63 3.37 -2.18 -2.56
C GLY B 63 2.00 -2.61 -2.10
N HIS B 64 1.55 -2.09 -0.95
CA HIS B 64 0.15 -2.27 -0.57
C HIS B 64 -0.73 -1.48 -1.53
N LEU B 65 -1.81 -2.11 -1.98
CA LEU B 65 -2.72 -1.51 -2.95
C LEU B 65 -4.08 -1.16 -2.35
N ALA B 66 -4.18 -1.13 -1.03
CA ALA B 66 -5.43 -0.77 -0.36
C ALA B 66 -5.08 -0.14 0.98
N LYS B 67 -6.13 0.17 1.76
CA LYS B 67 -5.96 0.74 3.08
C LYS B 67 -5.11 -0.17 3.96
N ILE B 68 -4.07 0.39 4.56
CA ILE B 68 -3.30 -0.30 5.59
C ILE B 68 -4.03 -0.17 6.92
N TYR B 69 -4.25 -1.29 7.60
CA TYR B 69 -5.00 -1.29 8.84
C TYR B 69 -4.15 -1.54 10.09
N ALA B 70 -2.99 -2.18 9.95
CA ALA B 70 -2.19 -2.50 11.12
C ALA B 70 -0.74 -2.68 10.71
N MET B 71 0.15 -2.44 11.67
CA MET B 71 1.56 -2.75 11.50
C MET B 71 2.13 -3.15 12.85
N HIS B 72 3.19 -3.94 12.84
CA HIS B 72 3.88 -4.30 14.07
C HIS B 72 5.35 -4.56 13.78
N TRP B 73 6.22 -3.90 14.54
CA TRP B 73 7.65 -4.14 14.44
C TRP B 73 8.02 -5.50 15.01
N GLY B 74 9.01 -6.14 14.39
CA GLY B 74 9.68 -7.24 15.04
C GLY B 74 10.66 -6.78 16.10
N THR B 75 11.08 -7.72 16.95
CA THR B 75 11.93 -7.36 18.08
C THR B 75 13.35 -7.01 17.67
N ASP B 76 13.76 -7.32 16.44
CA ASP B 76 15.07 -6.96 15.95
C ASP B 76 15.15 -5.51 15.49
N SER B 77 14.04 -4.78 15.55
CA SER B 77 13.97 -3.36 15.20
C SER B 77 14.27 -3.11 13.72
N ARG B 78 14.25 -4.16 12.90
CA ARG B 78 14.51 -4.03 11.47
C ARG B 78 13.38 -4.57 10.61
N LEU B 79 12.78 -5.69 10.98
CA LEU B 79 11.67 -6.26 10.24
C LEU B 79 10.35 -5.79 10.84
N LEU B 80 9.38 -5.54 9.97
CA LEU B 80 8.04 -5.19 10.40
C LEU B 80 7.03 -5.86 9.48
N VAL B 81 5.84 -6.10 10.03
CA VAL B 81 4.74 -6.69 9.28
C VAL B 81 3.62 -5.67 9.21
N SER B 82 3.03 -5.53 8.03
CA SER B 82 1.90 -4.62 7.83
C SER B 82 0.76 -5.39 7.20
N ALA B 83 -0.46 -5.00 7.56
CA ALA B 83 -1.67 -5.62 7.04
C ALA B 83 -2.48 -4.58 6.29
N SER B 84 -2.99 -4.97 5.12
CA SER B 84 -3.83 -4.12 4.31
C SER B 84 -5.06 -4.92 3.89
N GLN B 85 -6.12 -4.20 3.52
CA GLN B 85 -7.34 -4.83 3.08
C GLN B 85 -7.35 -5.13 1.59
N ASP B 86 -6.18 -5.23 0.97
CA ASP B 86 -6.02 -5.93 -0.29
C ASP B 86 -5.80 -7.42 -0.08
N GLY B 87 -5.98 -7.92 1.14
CA GLY B 87 -5.77 -9.32 1.42
C GLY B 87 -4.32 -9.76 1.45
N LYS B 88 -3.41 -8.85 1.79
CA LYS B 88 -1.98 -9.13 1.76
C LYS B 88 -1.35 -8.78 3.09
N LEU B 89 -0.66 -9.75 3.70
CA LEU B 89 0.26 -9.50 4.79
C LEU B 89 1.66 -9.40 4.19
N ILE B 90 2.35 -8.29 4.45
CA ILE B 90 3.68 -8.06 3.92
C ILE B 90 4.65 -7.87 5.07
N ILE B 91 5.80 -8.54 4.99
CA ILE B 91 6.90 -8.37 5.92
C ILE B 91 7.98 -7.57 5.22
N TRP B 92 8.38 -6.45 5.81
CA TRP B 92 9.29 -5.50 5.18
C TRP B 92 10.65 -5.55 5.87
N ASP B 93 11.71 -5.42 5.06
CA ASP B 93 13.04 -5.08 5.57
C ASP B 93 13.13 -3.57 5.57
N SER B 94 12.99 -2.96 6.75
CA SER B 94 12.88 -1.51 6.81
C SER B 94 14.16 -0.80 6.43
N TYR B 95 15.32 -1.45 6.61
CA TYR B 95 16.58 -0.81 6.27
C TYR B 95 16.72 -0.63 4.77
N THR B 96 16.29 -1.61 3.99
CA THR B 96 16.45 -1.60 2.55
C THR B 96 15.15 -1.39 1.78
N THR B 97 14.02 -1.38 2.47
CA THR B 97 12.67 -1.39 1.90
C THR B 97 12.39 -2.64 1.07
N ASN B 98 13.24 -3.65 1.17
CA ASN B 98 12.98 -4.92 0.50
C ASN B 98 11.78 -5.62 1.14
N LYS B 99 10.98 -6.25 0.30
CA LYS B 99 9.89 -7.11 0.79
C LYS B 99 10.44 -8.51 1.05
N VAL B 100 10.37 -8.93 2.31
CA VAL B 100 10.86 -10.25 2.67
C VAL B 100 9.82 -11.32 2.37
N HIS B 101 8.56 -11.06 2.68
CA HIS B 101 7.48 -11.98 2.42
C HIS B 101 6.23 -11.22 1.99
N ALA B 102 5.36 -11.92 1.28
CA ALA B 102 4.01 -11.42 0.98
C ALA B 102 3.04 -12.56 1.21
N ILE B 103 2.26 -12.46 2.28
CA ILE B 103 1.38 -13.54 2.72
C ILE B 103 -0.03 -13.24 2.22
N PRO B 104 -0.58 -14.03 1.30
CA PRO B 104 -1.98 -13.82 0.89
C PRO B 104 -2.93 -14.32 1.97
N LEU B 105 -3.85 -13.45 2.36
CA LEU B 105 -4.80 -13.75 3.43
C LEU B 105 -6.05 -14.41 2.86
N ARG B 106 -6.55 -15.42 3.58
CA ARG B 106 -7.80 -16.06 3.17
C ARG B 106 -8.96 -15.10 3.22
N SER B 107 -9.01 -14.25 4.24
CA SER B 107 -10.00 -13.19 4.36
C SER B 107 -9.30 -11.85 4.23
N SER B 108 -9.75 -11.01 3.30
CA SER B 108 -9.06 -9.76 3.03
C SER B 108 -9.43 -8.66 4.01
N TRP B 109 -10.41 -8.88 4.87
CA TRP B 109 -10.90 -7.82 5.76
C TRP B 109 -10.11 -7.80 7.07
N VAL B 110 -8.80 -7.75 6.95
CA VAL B 110 -7.91 -7.83 8.11
C VAL B 110 -7.90 -6.49 8.82
N MET B 111 -7.88 -6.53 10.15
CA MET B 111 -7.86 -5.33 10.98
C MET B 111 -6.65 -5.24 11.89
N THR B 112 -5.96 -6.34 12.17
CA THR B 112 -4.84 -6.33 13.09
C THR B 112 -3.78 -7.31 12.59
N CYS B 113 -2.55 -7.08 13.04
CA CYS B 113 -1.45 -8.00 12.77
C CYS B 113 -0.47 -7.93 13.93
N ALA B 114 0.21 -9.04 14.18
CA ALA B 114 1.18 -9.12 15.26
C ALA B 114 2.41 -9.89 14.81
N TYR B 115 3.57 -9.43 15.26
CA TYR B 115 4.84 -10.10 15.05
C TYR B 115 5.27 -10.78 16.35
N ALA B 116 5.56 -12.07 16.27
CA ALA B 116 5.99 -12.80 17.46
C ALA B 116 7.33 -12.27 17.94
N PRO B 117 7.56 -12.21 19.25
CA PRO B 117 8.86 -11.73 19.74
C PRO B 117 10.03 -12.59 19.30
N SER B 118 9.82 -13.88 19.05
CA SER B 118 10.88 -14.72 18.52
C SER B 118 11.17 -14.44 17.05
N GLY B 119 10.21 -13.87 16.32
CA GLY B 119 10.36 -13.63 14.91
C GLY B 119 9.99 -14.79 14.02
N ASN B 120 9.55 -15.91 14.59
CA ASN B 120 9.21 -17.10 13.83
C ASN B 120 7.76 -17.12 13.37
N TYR B 121 6.90 -16.27 13.92
CA TYR B 121 5.47 -16.31 13.63
C TYR B 121 4.94 -14.90 13.47
N VAL B 122 3.89 -14.78 12.66
CA VAL B 122 3.06 -13.58 12.60
C VAL B 122 1.61 -14.00 12.69
N ALA B 123 0.77 -13.09 13.15
CA ALA B 123 -0.64 -13.34 13.37
C ALA B 123 -1.45 -12.20 12.78
N CYS B 124 -2.67 -12.50 12.36
CA CYS B 124 -3.56 -11.47 11.83
C CYS B 124 -4.99 -11.96 11.93
N GLY B 125 -5.93 -11.04 11.75
CA GLY B 125 -7.33 -11.36 11.75
C GLY B 125 -8.21 -10.12 11.71
N GLY B 126 -9.43 -10.29 11.20
CA GLY B 126 -10.35 -9.17 11.08
C GLY B 126 -11.80 -9.56 11.24
N LEU B 127 -12.62 -9.15 10.27
CA LEU B 127 -14.05 -9.44 10.26
C LEU B 127 -14.38 -10.92 10.13
N ASP B 128 -13.39 -11.77 9.85
CA ASP B 128 -13.62 -13.21 9.76
C ASP B 128 -13.65 -13.90 11.12
N ASN B 129 -13.44 -13.15 12.21
CA ASN B 129 -13.53 -13.66 13.58
C ASN B 129 -12.47 -14.72 13.88
N ILE B 130 -11.38 -14.74 13.12
CA ILE B 130 -10.35 -15.76 13.22
C ILE B 130 -9.01 -15.07 13.40
N CYS B 131 -8.18 -15.61 14.29
CA CYS B 131 -6.78 -15.22 14.39
C CYS B 131 -5.92 -16.30 13.76
N SER B 132 -5.30 -15.99 12.64
CA SER B 132 -4.51 -16.95 11.88
C SER B 132 -3.03 -16.78 12.24
N ILE B 133 -2.37 -17.89 12.54
CA ILE B 133 -0.96 -17.89 12.87
C ILE B 133 -0.18 -18.40 11.66
N TYR B 134 0.85 -17.65 11.26
CA TYR B 134 1.65 -17.99 10.09
C TYR B 134 3.07 -18.30 10.53
N ASN B 135 3.60 -19.42 10.05
CA ASN B 135 4.96 -19.84 10.36
C ASN B 135 5.91 -19.24 9.32
N LEU B 136 6.87 -18.45 9.77
CA LEU B 136 7.81 -17.80 8.87
C LEU B 136 9.06 -18.63 8.60
N LYS B 137 9.36 -19.62 9.43
CA LYS B 137 10.57 -20.42 9.31
C LYS B 137 10.16 -21.87 9.05
N THR B 138 9.97 -22.21 7.78
CA THR B 138 9.65 -23.58 7.38
C THR B 138 10.73 -24.11 6.46
N ARG B 139 10.92 -25.43 6.48
CA ARG B 139 11.87 -26.06 5.57
C ARG B 139 11.42 -25.98 4.12
N GLU B 140 10.13 -25.71 3.87
CA GLU B 140 9.62 -25.62 2.51
C GLU B 140 9.89 -24.26 1.86
N GLY B 141 10.32 -23.27 2.63
CA GLY B 141 10.69 -21.98 2.08
C GLY B 141 9.55 -21.02 1.88
N ASN B 142 8.34 -21.36 2.30
CA ASN B 142 7.18 -20.47 2.17
C ASN B 142 6.52 -20.29 3.52
N VAL B 143 5.77 -19.21 3.65
CA VAL B 143 4.97 -18.96 4.85
C VAL B 143 3.65 -19.73 4.73
N ARG B 144 3.33 -20.50 5.76
CA ARG B 144 2.09 -21.27 5.80
C ARG B 144 1.33 -20.96 7.09
N VAL B 145 0.01 -21.13 7.02
CA VAL B 145 -0.82 -21.05 8.21
C VAL B 145 -0.52 -22.23 9.12
N SER B 146 -0.18 -21.93 10.38
CA SER B 146 0.05 -22.97 11.36
C SER B 146 -1.15 -23.19 12.30
N ARG B 147 -1.93 -22.14 12.58
CA ARG B 147 -3.09 -22.25 13.46
C ARG B 147 -4.12 -21.20 13.07
N GLU B 148 -5.39 -21.55 13.20
CA GLU B 148 -6.50 -20.62 13.10
C GLU B 148 -7.25 -20.65 14.42
N LEU B 149 -7.19 -19.53 15.16
CA LEU B 149 -7.77 -19.46 16.49
C LEU B 149 -9.22 -19.00 16.38
N ALA B 150 -10.15 -19.93 16.52
CA ALA B 150 -11.58 -19.66 16.48
C ALA B 150 -12.16 -19.66 17.89
N GLY B 151 -13.24 -18.91 18.07
CA GLY B 151 -13.85 -18.78 19.38
C GLY B 151 -14.45 -17.43 19.67
N HIS B 152 -13.91 -16.38 19.06
CA HIS B 152 -14.53 -15.06 19.17
C HIS B 152 -15.79 -15.00 18.31
N THR B 153 -16.81 -14.33 18.84
CA THR B 153 -18.05 -14.13 18.12
C THR B 153 -18.16 -12.74 17.51
N GLY B 154 -17.08 -11.97 17.51
CA GLY B 154 -17.02 -10.69 16.85
C GLY B 154 -15.71 -10.53 16.11
N TYR B 155 -15.58 -9.39 15.43
CA TYR B 155 -14.38 -9.15 14.64
C TYR B 155 -13.16 -9.06 15.55
N LEU B 156 -12.01 -9.46 15.02
CA LEU B 156 -10.75 -9.36 15.75
C LEU B 156 -10.15 -7.97 15.58
N SER B 157 -9.97 -7.26 16.68
CA SER B 157 -9.48 -5.89 16.64
C SER B 157 -8.01 -5.78 16.95
N CYS B 158 -7.47 -6.65 17.81
CA CYS B 158 -6.05 -6.60 18.14
C CYS B 158 -5.60 -7.98 18.62
N CYS B 159 -4.31 -8.25 18.45
CA CYS B 159 -3.72 -9.50 18.90
C CYS B 159 -2.27 -9.24 19.24
N ARG B 160 -1.77 -9.92 20.29
CA ARG B 160 -0.39 -9.76 20.71
C ARG B 160 0.15 -11.07 21.26
N PHE B 161 1.32 -11.49 20.77
CA PHE B 161 1.96 -12.68 21.29
C PHE B 161 2.55 -12.45 22.67
N LEU B 162 2.39 -13.44 23.55
CA LEU B 162 3.17 -13.50 24.77
C LEU B 162 4.46 -14.28 24.56
N ASP B 163 4.37 -15.37 23.81
CA ASP B 163 5.51 -16.17 23.39
C ASP B 163 5.09 -16.93 22.14
N ASP B 164 5.87 -17.94 21.75
CA ASP B 164 5.53 -18.69 20.55
C ASP B 164 4.28 -19.54 20.74
N ASN B 165 3.85 -19.78 21.98
CA ASN B 165 2.72 -20.64 22.26
C ASN B 165 1.50 -19.91 22.82
N GLN B 166 1.65 -18.68 23.28
CA GLN B 166 0.56 -17.92 23.86
C GLN B 166 0.36 -16.62 23.11
N ILE B 167 -0.91 -16.25 22.91
CA ILE B 167 -1.26 -14.97 22.28
C ILE B 167 -2.55 -14.46 22.92
N VAL B 168 -2.65 -13.15 23.06
CA VAL B 168 -3.84 -12.50 23.59
C VAL B 168 -4.52 -11.77 22.44
N THR B 169 -5.84 -11.96 22.31
CA THR B 169 -6.62 -11.31 21.28
C THR B 169 -7.76 -10.53 21.91
N SER B 170 -8.06 -9.36 21.36
CA SER B 170 -9.25 -8.60 21.71
C SER B 170 -10.20 -8.58 20.53
N SER B 171 -11.50 -8.65 20.82
CA SER B 171 -12.51 -8.78 19.78
C SER B 171 -13.60 -7.74 19.99
N GLY B 172 -14.43 -7.59 18.97
CA GLY B 172 -15.62 -6.78 19.01
C GLY B 172 -16.81 -7.41 19.69
N ASP B 173 -16.68 -8.65 20.16
CA ASP B 173 -17.72 -9.30 20.96
C ASP B 173 -17.59 -8.99 22.45
N THR B 174 -16.89 -7.92 22.79
CA THR B 174 -16.75 -7.37 24.14
C THR B 174 -15.85 -8.20 25.04
N THR B 175 -15.14 -9.19 24.51
CA THR B 175 -14.31 -10.06 25.31
C THR B 175 -12.90 -10.11 24.75
N CYS B 176 -11.94 -10.33 25.64
CA CYS B 176 -10.57 -10.69 25.28
C CYS B 176 -10.31 -12.14 25.65
N ALA B 177 -9.39 -12.77 24.95
CA ALA B 177 -9.08 -14.17 25.19
C ALA B 177 -7.57 -14.39 25.21
N LEU B 178 -7.14 -15.32 26.05
CA LEU B 178 -5.78 -15.84 26.05
C LEU B 178 -5.80 -17.22 25.43
N TRP B 179 -4.93 -17.45 24.45
CA TRP B 179 -4.97 -18.65 23.63
C TRP B 179 -3.73 -19.51 23.87
N ASP B 180 -3.92 -20.82 23.85
CA ASP B 180 -2.83 -21.78 23.73
C ASP B 180 -2.71 -22.16 22.25
N ILE B 181 -1.64 -21.71 21.61
CA ILE B 181 -1.52 -21.85 20.16
C ILE B 181 -1.39 -23.32 19.77
N GLU B 182 -0.66 -24.11 20.57
CA GLU B 182 -0.43 -25.51 20.20
C GLU B 182 -1.74 -26.31 20.18
N THR B 183 -2.60 -26.11 21.17
CA THR B 183 -3.87 -26.80 21.22
C THR B 183 -5.00 -26.06 20.51
N GLY B 184 -4.80 -24.78 20.19
CA GLY B 184 -5.83 -24.04 19.47
C GLY B 184 -7.02 -23.63 20.32
N GLN B 185 -6.95 -23.77 21.63
CA GLN B 185 -8.05 -23.47 22.53
C GLN B 185 -7.70 -22.25 23.38
N GLN B 186 -8.72 -21.46 23.71
CA GLN B 186 -8.54 -20.30 24.57
C GLN B 186 -8.56 -20.75 26.03
N THR B 187 -7.41 -20.64 26.69
CA THR B 187 -7.32 -21.09 28.07
C THR B 187 -8.09 -20.17 29.02
N THR B 188 -8.03 -18.87 28.77
CA THR B 188 -8.69 -17.88 29.62
C THR B 188 -9.51 -16.94 28.76
N THR B 189 -10.69 -16.58 29.25
CA THR B 189 -11.56 -15.60 28.62
C THR B 189 -11.72 -14.41 29.56
N PHE B 190 -11.50 -13.21 29.03
CA PHE B 190 -11.55 -11.98 29.82
C PHE B 190 -12.84 -11.25 29.47
N THR B 191 -13.80 -11.28 30.39
CA THR B 191 -15.11 -10.68 30.19
C THR B 191 -15.29 -9.50 31.14
N GLY B 192 -16.13 -8.55 30.75
CA GLY B 192 -16.41 -7.41 31.59
C GLY B 192 -16.62 -6.12 30.83
N HIS B 193 -16.10 -6.04 29.61
CA HIS B 193 -16.37 -4.91 28.75
C HIS B 193 -17.79 -4.98 28.21
N THR B 194 -18.47 -3.84 28.18
CA THR B 194 -19.82 -3.75 27.64
C THR B 194 -19.86 -3.28 26.20
N GLY B 195 -18.70 -2.98 25.59
CA GLY B 195 -18.62 -2.59 24.20
C GLY B 195 -17.52 -3.35 23.48
N ASP B 196 -17.40 -3.04 22.19
CA ASP B 196 -16.38 -3.68 21.36
C ASP B 196 -15.00 -3.27 21.84
N VAL B 197 -14.17 -4.27 22.17
CA VAL B 197 -12.78 -4.01 22.56
C VAL B 197 -11.98 -3.73 21.30
N MET B 198 -11.36 -2.55 21.25
CA MET B 198 -10.69 -2.10 20.03
C MET B 198 -9.19 -2.29 20.04
N SER B 199 -8.56 -2.41 21.21
CA SER B 199 -7.12 -2.50 21.28
C SER B 199 -6.72 -3.18 22.58
N LEU B 200 -5.48 -3.66 22.60
CA LEU B 200 -4.87 -4.15 23.83
C LEU B 200 -3.38 -3.89 23.79
N SER B 201 -2.78 -3.77 24.97
CA SER B 201 -1.34 -3.62 25.08
C SER B 201 -0.83 -4.53 26.19
N LEU B 202 0.28 -5.20 25.93
CA LEU B 202 0.90 -6.09 26.90
C LEU B 202 1.91 -5.33 27.76
N ALA B 203 1.92 -5.66 29.06
CA ALA B 203 2.96 -5.15 29.93
C ALA B 203 4.29 -5.79 29.57
N PRO B 204 5.40 -5.11 29.85
CA PRO B 204 6.72 -5.66 29.46
C PRO B 204 7.00 -7.03 30.04
N ASP B 205 6.51 -7.33 31.24
CA ASP B 205 6.69 -8.65 31.83
C ASP B 205 5.63 -9.65 31.39
N THR B 206 4.66 -9.22 30.58
CA THR B 206 3.60 -10.08 30.04
C THR B 206 2.80 -10.78 31.14
N ARG B 207 2.70 -10.16 32.32
CA ARG B 207 1.82 -10.66 33.35
C ARG B 207 0.49 -9.92 33.41
N LEU B 208 0.40 -8.73 32.83
CA LEU B 208 -0.81 -7.94 32.78
C LEU B 208 -1.00 -7.40 31.38
N PHE B 209 -2.24 -7.04 31.05
CA PHE B 209 -2.50 -6.29 29.83
C PHE B 209 -3.73 -5.42 30.02
N VAL B 210 -3.71 -4.27 29.38
CA VAL B 210 -4.82 -3.32 29.38
C VAL B 210 -5.54 -3.41 28.05
N SER B 211 -6.85 -3.20 28.08
CA SER B 211 -7.66 -3.18 26.86
C SER B 211 -8.60 -1.99 26.89
N GLY B 212 -8.77 -1.36 25.72
CA GLY B 212 -9.69 -0.25 25.56
C GLY B 212 -10.84 -0.65 24.65
N ALA B 213 -12.05 -0.31 25.07
CA ALA B 213 -13.26 -0.68 24.36
C ALA B 213 -14.03 0.56 23.93
N CYS B 214 -15.19 0.33 23.32
CA CYS B 214 -16.08 1.41 22.89
C CYS B 214 -17.02 1.88 23.98
N ASP B 215 -16.96 1.28 25.18
CA ASP B 215 -17.63 1.82 26.35
C ASP B 215 -16.83 2.90 27.05
N ALA B 216 -15.81 3.44 26.36
CA ALA B 216 -15.00 4.55 26.86
C ALA B 216 -14.27 4.20 28.16
N SER B 217 -13.96 2.92 28.36
CA SER B 217 -13.30 2.48 29.58
C SER B 217 -12.12 1.58 29.24
N ALA B 218 -11.11 1.62 30.10
CA ALA B 218 -9.92 0.78 29.98
C ALA B 218 -9.82 -0.12 31.19
N LYS B 219 -9.70 -1.42 30.96
CA LYS B 219 -9.62 -2.42 32.02
C LYS B 219 -8.24 -3.05 32.06
N LEU B 220 -7.72 -3.24 33.26
CA LEU B 220 -6.44 -3.90 33.49
C LEU B 220 -6.70 -5.35 33.87
N TRP B 221 -6.14 -6.28 33.13
CA TRP B 221 -6.40 -7.70 33.30
C TRP B 221 -5.14 -8.41 33.79
N ASP B 222 -5.32 -9.38 34.68
CA ASP B 222 -4.26 -10.28 35.07
C ASP B 222 -4.28 -11.51 34.17
N VAL B 223 -3.16 -11.80 33.51
CA VAL B 223 -3.12 -12.88 32.54
C VAL B 223 -3.32 -14.23 33.22
N ARG B 224 -2.57 -14.48 34.30
CA ARG B 224 -2.64 -15.78 34.96
C ARG B 224 -3.95 -15.96 35.71
N GLU B 225 -4.36 -14.95 36.49
CA GLU B 225 -5.56 -15.08 37.29
C GLU B 225 -6.82 -15.01 36.44
N GLY B 226 -6.82 -14.15 35.42
CA GLY B 226 -7.91 -14.11 34.47
C GLY B 226 -9.06 -13.20 34.84
N MET B 227 -8.87 -12.27 35.78
CA MET B 227 -9.90 -11.33 36.18
C MET B 227 -9.43 -9.91 35.96
N CYS B 228 -10.39 -8.99 35.99
CA CYS B 228 -10.09 -7.57 35.85
C CYS B 228 -9.65 -7.01 37.20
N ARG B 229 -8.45 -6.42 37.23
CA ARG B 229 -7.94 -5.84 38.46
C ARG B 229 -8.49 -4.43 38.67
N GLN B 230 -8.42 -3.58 37.64
CA GLN B 230 -8.85 -2.20 37.76
C GLN B 230 -9.59 -1.78 36.50
N THR B 231 -10.48 -0.82 36.65
CA THR B 231 -11.23 -0.24 35.54
C THR B 231 -10.97 1.27 35.50
N PHE B 232 -10.64 1.77 34.31
CA PHE B 232 -10.30 3.17 34.12
C PHE B 232 -11.33 3.82 33.20
N THR B 233 -11.99 4.86 33.69
CA THR B 233 -12.96 5.62 32.91
C THR B 233 -12.52 7.08 32.85
N GLY B 234 -13.21 7.85 32.01
CA GLY B 234 -12.85 9.24 31.82
C GLY B 234 -12.97 9.73 30.39
N HIS B 235 -12.86 8.81 29.43
CA HIS B 235 -13.11 9.16 28.04
C HIS B 235 -14.60 9.37 27.80
N GLU B 236 -14.91 10.16 26.78
CA GLU B 236 -16.30 10.46 26.42
C GLU B 236 -16.76 9.72 25.16
N SER B 237 -15.87 9.00 24.48
CA SER B 237 -16.24 8.27 23.28
C SER B 237 -15.41 6.99 23.23
N ASP B 238 -15.60 6.23 22.14
CA ASP B 238 -14.95 4.94 22.00
C ASP B 238 -13.43 5.08 22.09
N ILE B 239 -12.80 4.18 22.83
CA ILE B 239 -11.34 4.10 22.86
C ILE B 239 -10.88 3.25 21.70
N ASN B 240 -9.95 3.80 20.90
CA ASN B 240 -9.44 3.10 19.73
C ASN B 240 -8.04 2.57 19.89
N ALA B 241 -7.25 3.11 20.83
CA ALA B 241 -5.85 2.76 20.94
C ALA B 241 -5.45 2.76 22.40
N ILE B 242 -4.43 1.95 22.71
CA ILE B 242 -3.94 1.82 24.08
C ILE B 242 -2.50 1.32 24.00
N CYS B 243 -1.67 1.79 24.93
CA CYS B 243 -0.26 1.44 24.93
C CYS B 243 0.30 1.55 26.33
N PHE B 244 1.00 0.51 26.78
CA PHE B 244 1.62 0.51 28.09
C PHE B 244 2.82 1.45 28.13
N PHE B 245 3.01 2.09 29.27
CA PHE B 245 4.24 2.83 29.53
C PHE B 245 5.42 1.85 29.61
N PRO B 246 6.61 2.27 29.19
CA PRO B 246 7.74 1.32 29.10
C PRO B 246 8.08 0.62 30.41
N ASN B 247 7.79 1.22 31.56
CA ASN B 247 8.05 0.56 32.83
C ASN B 247 6.87 -0.29 33.32
N GLY B 248 5.73 -0.24 32.63
CA GLY B 248 4.59 -1.06 32.98
C GLY B 248 3.70 -0.51 34.07
N ASN B 249 4.00 0.68 34.60
CA ASN B 249 3.22 1.26 35.69
C ASN B 249 2.18 2.26 35.19
N ALA B 250 2.04 2.45 33.89
CA ALA B 250 1.07 3.39 33.35
C ALA B 250 0.73 2.96 31.92
N PHE B 251 -0.35 3.54 31.40
CA PHE B 251 -0.70 3.33 30.00
C PHE B 251 -1.42 4.57 29.49
N ALA B 252 -1.38 4.74 28.16
CA ALA B 252 -2.05 5.84 27.49
C ALA B 252 -3.11 5.29 26.54
N THR B 253 -4.21 6.03 26.42
CA THR B 253 -5.30 5.64 25.54
C THR B 253 -5.57 6.74 24.52
N GLY B 254 -6.21 6.34 23.42
CA GLY B 254 -6.69 7.30 22.44
C GLY B 254 -8.11 7.02 22.04
N SER B 255 -8.95 8.06 22.02
CA SER B 255 -10.38 7.90 21.78
C SER B 255 -10.81 8.75 20.59
N ASP B 256 -12.08 8.64 20.25
CA ASP B 256 -12.69 9.45 19.19
C ASP B 256 -12.99 10.88 19.63
N ASP B 257 -12.83 11.20 20.92
CA ASP B 257 -13.08 12.54 21.41
C ASP B 257 -11.87 13.46 21.26
N ALA B 258 -10.91 13.09 20.41
CA ALA B 258 -9.74 13.92 20.11
C ALA B 258 -8.85 14.14 21.32
N THR B 259 -8.85 13.21 22.27
CA THR B 259 -8.05 13.34 23.47
C THR B 259 -7.26 12.06 23.72
N CYS B 260 -6.09 12.23 24.33
CA CYS B 260 -5.29 11.13 24.86
C CYS B 260 -5.16 11.31 26.37
N ARG B 261 -5.32 10.22 27.11
CA ARG B 261 -5.26 10.26 28.56
C ARG B 261 -4.20 9.27 29.06
N LEU B 262 -3.47 9.69 30.09
CA LEU B 262 -2.45 8.87 30.73
C LEU B 262 -2.98 8.38 32.06
N PHE B 263 -3.26 7.09 32.16
CA PHE B 263 -3.74 6.48 33.39
C PHE B 263 -2.59 5.80 34.13
N ASP B 264 -2.64 5.84 35.46
CA ASP B 264 -1.66 5.19 36.31
C ASP B 264 -2.29 3.94 36.92
N LEU B 265 -1.54 2.84 36.91
CA LEU B 265 -2.06 1.60 37.47
C LEU B 265 -2.16 1.68 38.98
N ARG B 266 -1.10 2.14 39.65
CA ARG B 266 -1.07 2.12 41.10
C ARG B 266 -1.94 3.22 41.71
N ALA B 267 -1.97 4.41 41.10
CA ALA B 267 -2.88 5.45 41.55
C ALA B 267 -4.31 5.22 41.08
N ASP B 268 -4.53 4.32 40.12
CA ASP B 268 -5.86 3.89 39.71
C ASP B 268 -6.72 5.06 39.22
N GLN B 269 -6.10 5.98 38.48
CA GLN B 269 -6.84 7.13 38.00
C GLN B 269 -6.07 7.80 36.86
N GLU B 270 -6.74 8.70 36.17
CA GLU B 270 -6.13 9.49 35.12
C GLU B 270 -5.15 10.51 35.68
N LEU B 271 -4.02 10.69 34.99
CA LEU B 271 -3.01 11.64 35.41
C LEU B 271 -2.90 12.86 34.51
N MET B 272 -3.18 12.72 33.22
CA MET B 272 -2.95 13.80 32.27
C MET B 272 -3.77 13.57 31.01
N THR B 273 -4.23 14.66 30.41
CA THR B 273 -4.99 14.63 29.17
C THR B 273 -4.20 15.37 28.09
N TYR B 274 -4.16 14.79 26.89
CA TYR B 274 -3.41 15.33 25.76
C TYR B 274 -4.40 15.68 24.66
N SER B 275 -4.83 16.95 24.64
CA SER B 275 -5.77 17.41 23.64
C SER B 275 -5.46 18.86 23.27
N HIS B 276 -5.89 19.24 22.07
CA HIS B 276 -5.72 20.60 21.56
C HIS B 276 -7.03 21.08 20.99
N ASP B 277 -7.21 22.41 20.98
CA ASP B 277 -8.46 22.97 20.48
C ASP B 277 -8.63 22.77 18.98
N ASN B 278 -7.53 22.82 18.22
CA ASN B 278 -7.61 22.57 16.78
C ASN B 278 -7.98 21.13 16.46
N ILE B 279 -7.65 20.19 17.35
CA ILE B 279 -7.88 18.77 17.07
C ILE B 279 -9.32 18.43 17.40
N ILE B 280 -10.07 18.01 16.38
CA ILE B 280 -11.47 17.67 16.54
C ILE B 280 -11.73 16.29 15.94
N CYS B 281 -10.67 15.61 15.53
CA CYS B 281 -10.78 14.31 14.87
C CYS B 281 -10.41 13.20 15.83
N GLY B 282 -10.85 11.99 15.50
CA GLY B 282 -10.57 10.85 16.33
C GLY B 282 -9.13 10.41 16.26
N ILE B 283 -8.71 9.65 17.28
CA ILE B 283 -7.36 9.13 17.38
C ILE B 283 -7.41 7.64 17.10
N THR B 284 -6.47 7.16 16.27
CA THR B 284 -6.47 5.77 15.84
C THR B 284 -5.40 4.92 16.49
N SER B 285 -4.25 5.50 16.83
CA SER B 285 -3.12 4.72 17.33
C SER B 285 -2.30 5.58 18.26
N VAL B 286 -1.69 4.94 19.25
CA VAL B 286 -0.83 5.62 20.22
C VAL B 286 0.38 4.73 20.50
N SER B 287 1.51 5.37 20.77
CA SER B 287 2.73 4.65 21.13
C SER B 287 3.63 5.59 21.91
N PHE B 288 4.58 4.98 22.63
CA PHE B 288 5.57 5.73 23.39
C PHE B 288 6.95 5.54 22.77
N SER B 289 7.81 6.54 22.97
CA SER B 289 9.21 6.37 22.65
C SER B 289 9.87 5.46 23.70
N LYS B 290 11.13 5.10 23.43
CA LYS B 290 11.80 4.09 24.25
C LYS B 290 11.88 4.52 25.70
N SER B 291 12.18 5.79 25.96
CA SER B 291 12.19 6.29 27.33
C SER B 291 10.81 6.65 27.85
N GLY B 292 9.79 6.66 26.99
CA GLY B 292 8.45 7.01 27.40
C GLY B 292 8.18 8.49 27.49
N ARG B 293 9.17 9.34 27.20
CA ARG B 293 8.97 10.78 27.34
C ARG B 293 8.06 11.32 26.23
N LEU B 294 8.02 10.67 25.09
CA LEU B 294 7.19 11.10 23.97
C LEU B 294 6.03 10.15 23.77
N LEU B 295 4.85 10.72 23.56
CA LEU B 295 3.65 9.96 23.20
C LEU B 295 3.27 10.34 21.77
N LEU B 296 3.35 9.37 20.86
CA LEU B 296 3.03 9.59 19.46
C LEU B 296 1.64 9.02 19.19
N ALA B 297 0.79 9.84 18.57
CA ALA B 297 -0.59 9.48 18.30
C ALA B 297 -0.93 9.74 16.83
N GLY B 298 -1.60 8.78 16.21
CA GLY B 298 -2.10 8.94 14.85
C GLY B 298 -3.55 9.40 14.87
N TYR B 299 -3.90 10.25 13.90
CA TYR B 299 -5.16 10.95 13.92
C TYR B 299 -5.90 10.76 12.60
N ASP B 300 -7.19 11.07 12.62
CA ASP B 300 -8.01 11.06 11.41
C ASP B 300 -7.71 12.23 10.48
N ASP B 301 -7.11 13.31 10.98
CA ASP B 301 -6.84 14.49 10.15
C ASP B 301 -5.56 14.36 9.34
N PHE B 302 -5.13 13.13 9.08
CA PHE B 302 -4.01 12.75 8.21
C PHE B 302 -2.66 13.01 8.86
N ASN B 303 -2.61 13.36 10.15
CA ASN B 303 -1.39 13.75 10.80
C ASN B 303 -1.09 12.84 11.98
N CYS B 304 0.17 12.85 12.40
CA CYS B 304 0.61 12.18 13.62
C CYS B 304 1.22 13.22 14.54
N ASN B 305 0.64 13.39 15.72
CA ASN B 305 1.11 14.38 16.69
C ASN B 305 1.96 13.70 17.74
N VAL B 306 3.15 14.24 17.94
CA VAL B 306 4.06 13.77 19.00
C VAL B 306 3.84 14.63 20.23
N TRP B 307 3.44 14.00 21.33
CA TRP B 307 3.14 14.71 22.56
C TRP B 307 4.26 14.52 23.57
N ASP B 308 4.43 15.52 24.42
CA ASP B 308 5.24 15.38 25.63
C ASP B 308 4.38 14.68 26.68
N ALA B 309 4.76 13.45 27.04
CA ALA B 309 3.94 12.67 27.96
C ALA B 309 3.86 13.34 29.32
N LEU B 310 4.97 13.90 29.81
CA LEU B 310 4.99 14.49 31.14
C LEU B 310 4.30 15.85 31.18
N LYS B 311 4.48 16.68 30.15
CA LYS B 311 4.02 18.05 30.17
C LYS B 311 2.81 18.32 29.29
N ALA B 312 2.30 17.32 28.58
CA ALA B 312 1.11 17.45 27.74
C ALA B 312 1.27 18.55 26.69
N ASP B 313 2.48 18.65 26.13
CA ASP B 313 2.77 19.61 25.07
C ASP B 313 2.93 18.87 23.74
N ARG B 314 2.36 19.44 22.68
CA ARG B 314 2.53 18.87 21.34
C ARG B 314 3.95 19.16 20.87
N ALA B 315 4.80 18.13 20.88
CA ALA B 315 6.20 18.33 20.56
C ALA B 315 6.44 18.48 19.07
N GLY B 316 5.66 17.79 18.24
CA GLY B 316 5.87 17.87 16.80
C GLY B 316 4.71 17.23 16.07
N VAL B 317 4.80 17.28 14.74
CA VAL B 317 3.77 16.75 13.85
C VAL B 317 4.47 15.94 12.77
N LEU B 318 3.95 14.75 12.50
CA LEU B 318 4.36 13.95 11.34
C LEU B 318 3.27 14.07 10.28
N ALA B 319 3.52 14.89 9.27
CA ALA B 319 2.57 15.12 8.19
C ALA B 319 3.17 14.55 6.91
N GLY B 320 2.84 13.30 6.62
CA GLY B 320 3.34 12.66 5.42
C GLY B 320 2.36 11.71 4.76
N HIS B 321 1.08 11.80 5.11
CA HIS B 321 0.09 10.90 4.55
C HIS B 321 -1.11 11.69 4.03
N ASP B 322 -1.73 11.15 2.99
CA ASP B 322 -2.86 11.79 2.33
C ASP B 322 -4.19 11.18 2.75
N ASN B 323 -4.20 10.27 3.72
CA ASN B 323 -5.43 9.71 4.25
C ASN B 323 -5.23 9.45 5.74
N ARG B 324 -6.19 8.77 6.35
CA ARG B 324 -6.14 8.52 7.79
C ARG B 324 -4.86 7.78 8.17
N VAL B 325 -4.22 8.23 9.24
CA VAL B 325 -3.17 7.45 9.90
C VAL B 325 -3.83 6.35 10.71
N SER B 326 -3.75 5.11 10.24
CA SER B 326 -4.46 4.00 10.85
C SER B 326 -3.66 3.29 11.93
N CYS B 327 -2.33 3.38 11.90
CA CYS B 327 -1.50 2.65 12.83
C CYS B 327 -0.13 3.29 12.91
N LEU B 328 0.56 3.04 14.03
CA LEU B 328 1.95 3.44 14.18
C LEU B 328 2.60 2.54 15.21
N GLY B 329 3.93 2.53 15.20
CA GLY B 329 4.69 1.74 16.15
C GLY B 329 6.12 2.19 16.23
N VAL B 330 6.69 2.04 17.42
CA VAL B 330 8.06 2.45 17.72
C VAL B 330 8.91 1.20 17.91
N THR B 331 10.11 1.20 17.35
CA THR B 331 10.99 0.05 17.45
C THR B 331 11.39 -0.21 18.91
N ASP B 332 11.82 -1.45 19.16
CA ASP B 332 12.26 -1.81 20.51
C ASP B 332 13.50 -1.05 20.93
N ASP B 333 14.40 -0.79 19.99
CA ASP B 333 15.59 0.02 20.30
C ASP B 333 15.30 1.51 20.29
N GLY B 334 14.10 1.92 19.91
CA GLY B 334 13.72 3.31 19.92
C GLY B 334 14.27 4.12 18.76
N MET B 335 14.82 3.47 17.74
CA MET B 335 15.52 4.20 16.70
C MET B 335 14.56 4.91 15.75
N ALA B 336 13.42 4.29 15.44
CA ALA B 336 12.54 4.84 14.43
C ALA B 336 11.09 4.54 14.78
N VAL B 337 10.18 5.25 14.12
CA VAL B 337 8.75 5.03 14.23
C VAL B 337 8.19 4.83 12.84
N ALA B 338 7.33 3.83 12.69
CA ALA B 338 6.65 3.57 11.44
C ALA B 338 5.20 4.02 11.54
N THR B 339 4.69 4.63 10.47
CA THR B 339 3.30 5.04 10.39
C THR B 339 2.66 4.40 9.17
N GLY B 340 1.53 3.74 9.39
CA GLY B 340 0.72 3.19 8.32
C GLY B 340 -0.52 4.04 8.13
N SER B 341 -1.07 4.02 6.92
CA SER B 341 -2.13 4.95 6.59
C SER B 341 -3.08 4.31 5.58
N TRP B 342 -4.28 4.88 5.50
CA TRP B 342 -5.26 4.49 4.50
C TRP B 342 -4.85 4.85 3.07
N ASP B 343 -3.80 5.66 2.89
CA ASP B 343 -3.31 5.96 1.56
C ASP B 343 -2.41 4.86 1.00
N SER B 344 -2.30 3.74 1.72
CA SER B 344 -1.61 2.52 1.31
C SER B 344 -0.09 2.61 1.42
N PHE B 345 0.44 3.57 2.17
CA PHE B 345 1.88 3.70 2.32
C PHE B 345 2.29 3.59 3.78
N LEU B 346 3.50 3.08 3.99
CA LEU B 346 4.15 3.09 5.30
C LEU B 346 5.38 3.99 5.23
N LYS B 347 5.61 4.74 6.30
CA LYS B 347 6.75 5.63 6.36
C LYS B 347 7.53 5.39 7.65
N ILE B 348 8.85 5.49 7.55
CA ILE B 348 9.75 5.30 8.67
C ILE B 348 10.33 6.67 9.01
N TRP B 349 10.26 7.05 10.28
CA TRP B 349 10.65 8.37 10.73
C TRP B 349 11.71 8.27 11.82
N ASN B 350 12.66 9.20 11.79
CA ASN B 350 13.50 9.51 12.94
C ASN B 350 14.13 10.88 12.71
N GLY B 351 14.69 11.42 13.79
CA GLY B 351 15.28 12.75 13.75
C GLY B 351 16.74 12.72 13.34
N SER B 352 17.32 13.91 13.25
CA SER B 352 18.73 14.07 12.94
C SER B 352 19.34 15.11 13.87
N SER B 353 20.62 14.91 14.20
CA SER B 353 21.35 15.83 15.06
C SER B 353 21.52 17.19 14.40
N THR C 6 -34.30 -14.67 35.43
CA THR C 6 -33.35 -14.42 36.50
C THR C 6 -31.97 -14.09 35.94
N ALA C 7 -31.94 -13.59 34.70
CA ALA C 7 -30.67 -13.21 34.10
C ALA C 7 -30.14 -11.90 34.68
N SER C 8 -31.03 -10.92 34.88
CA SER C 8 -30.60 -9.63 35.41
C SER C 8 -30.09 -9.74 36.85
N ILE C 9 -30.76 -10.53 37.68
CA ILE C 9 -30.34 -10.66 39.07
C ILE C 9 -29.00 -11.37 39.16
N ALA C 10 -28.75 -12.34 38.27
CA ALA C 10 -27.46 -13.01 38.25
C ALA C 10 -26.34 -12.07 37.81
N GLN C 11 -26.61 -11.22 36.82
CA GLN C 11 -25.62 -10.24 36.39
C GLN C 11 -25.35 -9.20 37.47
N ALA C 12 -26.38 -8.81 38.22
CA ALA C 12 -26.20 -7.81 39.26
C ALA C 12 -25.24 -8.30 40.34
N ARG C 13 -25.35 -9.55 40.74
CA ARG C 13 -24.45 -10.11 41.75
C ARG C 13 -23.01 -10.10 41.24
N LYS C 14 -22.81 -10.45 39.98
CA LYS C 14 -21.45 -10.48 39.41
C LYS C 14 -20.85 -9.08 39.34
N LEU C 15 -21.65 -8.09 38.91
CA LEU C 15 -21.14 -6.73 38.81
C LEU C 15 -20.79 -6.17 40.19
N VAL C 16 -21.63 -6.44 41.19
CA VAL C 16 -21.35 -5.98 42.55
C VAL C 16 -20.09 -6.66 43.09
N GLU C 17 -19.94 -7.95 42.82
CA GLU C 17 -18.77 -8.68 43.33
C GLU C 17 -17.48 -8.15 42.71
N GLN C 18 -17.53 -7.77 41.43
CA GLN C 18 -16.33 -7.22 40.79
C GLN C 18 -15.94 -5.88 41.40
N LEU C 19 -16.92 -5.03 41.69
CA LEU C 19 -16.62 -3.71 42.25
C LEU C 19 -16.01 -3.82 43.63
N LYS C 20 -16.30 -4.90 44.37
CA LYS C 20 -15.67 -5.10 45.66
C LYS C 20 -14.17 -5.35 45.51
N MET C 21 -13.78 -6.13 44.51
CA MET C 21 -12.36 -6.43 44.31
C MET C 21 -11.59 -5.17 43.92
N GLU C 22 -12.17 -4.32 43.08
CA GLU C 22 -11.48 -3.13 42.63
C GLU C 22 -11.37 -2.09 43.73
N ALA C 23 -12.32 -2.09 44.68
CA ALA C 23 -12.33 -1.12 45.75
C ALA C 23 -11.39 -1.47 46.91
N ASN C 24 -10.85 -2.69 46.92
CA ASN C 24 -10.01 -3.16 48.01
C ASN C 24 -8.53 -3.13 47.68
N ILE C 25 -8.14 -2.48 46.59
CA ILE C 25 -6.74 -2.43 46.19
C ILE C 25 -6.04 -1.29 46.94
N ASP C 26 -4.72 -1.41 47.07
CA ASP C 26 -3.93 -0.36 47.69
C ASP C 26 -3.57 0.68 46.64
N ARG C 27 -3.83 1.94 46.95
CA ARG C 27 -3.58 3.06 46.05
C ARG C 27 -2.50 3.96 46.64
N ILE C 28 -1.49 4.27 45.84
CA ILE C 28 -0.47 5.22 46.22
C ILE C 28 -0.91 6.62 45.79
N LYS C 29 -0.24 7.63 46.35
CA LYS C 29 -0.57 9.01 46.01
C LYS C 29 -0.23 9.30 44.56
N VAL C 30 -0.97 10.24 43.97
CA VAL C 30 -0.70 10.63 42.59
C VAL C 30 0.67 11.30 42.47
N SER C 31 1.07 12.05 43.50
CA SER C 31 2.40 12.64 43.49
C SER C 31 3.48 11.56 43.48
N LYS C 32 3.28 10.50 44.26
CA LYS C 32 4.22 9.39 44.24
C LYS C 32 4.23 8.70 42.88
N ALA C 33 3.06 8.48 42.29
CA ALA C 33 2.98 7.86 40.98
C ALA C 33 3.56 8.77 39.89
N ALA C 34 3.29 10.07 39.99
CA ALA C 34 3.83 11.00 39.00
C ALA C 34 5.36 11.04 39.06
N ALA C 35 5.92 11.00 40.26
CA ALA C 35 7.37 11.03 40.41
C ALA C 35 8.03 9.81 39.78
N ASP C 36 7.41 8.65 39.92
CA ASP C 36 7.98 7.43 39.34
C ASP C 36 8.02 7.51 37.82
N LEU C 37 6.97 8.03 37.19
CA LEU C 37 7.00 8.21 35.75
C LEU C 37 8.05 9.23 35.34
N MET C 38 8.16 10.33 36.10
CA MET C 38 9.18 11.32 35.81
C MET C 38 10.59 10.77 36.03
N ALA C 39 10.75 9.94 37.06
CA ALA C 39 12.06 9.34 37.32
C ALA C 39 12.49 8.41 36.20
N TYR C 40 11.56 7.60 35.68
CA TYR C 40 11.90 6.66 34.62
C TYR C 40 12.30 7.41 33.34
N CYS C 41 11.60 8.48 33.01
CA CYS C 41 11.96 9.26 31.83
C CYS C 41 13.35 9.87 31.97
N GLU C 42 13.68 10.38 33.16
CA GLU C 42 14.99 10.97 33.36
C GLU C 42 16.10 9.93 33.25
N ALA C 43 15.89 8.74 33.83
CA ALA C 43 16.93 7.73 33.85
C ALA C 43 17.22 7.17 32.46
N HIS C 44 16.20 7.07 31.61
CA HIS C 44 16.33 6.47 30.29
C HIS C 44 16.33 7.50 29.18
N ALA C 45 16.51 8.78 29.50
CA ALA C 45 16.43 9.83 28.49
C ALA C 45 17.53 9.69 27.44
N LYS C 46 18.75 9.34 27.87
CA LYS C 46 19.87 9.31 26.94
C LYS C 46 19.75 8.19 25.91
N GLU C 47 19.13 7.06 26.27
CA GLU C 47 18.96 5.95 25.34
C GLU C 47 17.67 6.02 24.54
N ASP C 48 17.12 7.23 24.36
CA ASP C 48 15.94 7.42 23.52
C ASP C 48 16.35 8.15 22.25
N PRO C 49 16.51 7.45 21.12
CA PRO C 49 16.91 8.14 19.88
C PRO C 49 15.91 9.17 19.39
N LEU C 50 14.61 8.95 19.61
CA LEU C 50 13.62 9.92 19.14
C LEU C 50 13.69 11.22 19.94
N LEU C 51 13.91 11.10 21.25
CA LEU C 51 14.05 12.29 22.09
C LEU C 51 15.34 13.04 21.77
N THR C 52 16.46 12.32 21.71
CA THR C 52 17.76 12.89 21.39
C THR C 52 18.29 12.20 20.13
N PRO C 53 18.14 12.82 18.96
CA PRO C 53 18.56 12.16 17.72
C PRO C 53 20.05 11.83 17.73
N VAL C 54 20.36 10.64 17.21
CA VAL C 54 21.72 10.11 17.19
C VAL C 54 22.48 10.71 16.02
N PRO C 55 23.81 10.69 16.02
CA PRO C 55 24.56 11.13 14.83
C PRO C 55 24.24 10.25 13.63
N ALA C 56 24.35 10.85 12.44
CA ALA C 56 23.97 10.16 11.21
C ALA C 56 24.72 8.86 11.02
N SER C 57 25.93 8.75 11.59
CA SER C 57 26.70 7.50 11.48
C SER C 57 26.02 6.35 12.21
N GLU C 58 25.27 6.65 13.28
CA GLU C 58 24.63 5.64 14.10
C GLU C 58 23.17 5.42 13.73
N ASN C 59 22.69 6.07 12.68
CA ASN C 59 21.29 5.97 12.27
C ASN C 59 21.17 4.94 11.16
N PRO C 60 20.51 3.80 11.39
CA PRO C 60 20.35 2.82 10.32
C PRO C 60 19.52 3.31 9.14
N PHE C 61 18.77 4.39 9.31
CA PHE C 61 17.85 4.89 8.28
C PHE C 61 18.36 6.17 7.62
N ARG C 62 19.68 6.28 7.43
CA ARG C 62 20.29 7.43 6.76
C ARG C 62 19.59 7.79 5.46
N VAL D 1 12.48 -32.38 2.24
CA VAL D 1 13.24 -31.71 1.20
C VAL D 1 14.15 -32.70 0.50
N GLN D 2 14.07 -32.76 -0.83
CA GLN D 2 14.86 -33.71 -1.61
C GLN D 2 15.44 -33.02 -2.83
N LEU D 3 16.65 -33.42 -3.22
CA LEU D 3 17.29 -32.94 -4.44
C LEU D 3 18.02 -34.12 -5.07
N VAL D 4 17.48 -34.63 -6.18
CA VAL D 4 18.00 -35.82 -6.84
C VAL D 4 18.61 -35.41 -8.17
N GLU D 5 19.88 -35.73 -8.37
CA GLU D 5 20.58 -35.45 -9.62
C GLU D 5 20.61 -36.70 -10.49
N SER D 6 20.59 -36.49 -11.80
CA SER D 6 20.65 -37.58 -12.76
C SER D 6 21.26 -37.08 -14.06
N GLY D 7 21.66 -38.02 -14.91
CA GLY D 7 22.26 -37.70 -16.18
C GLY D 7 23.77 -37.86 -16.23
N GLY D 8 24.42 -38.10 -15.10
CA GLY D 8 25.85 -38.28 -15.10
C GLY D 8 26.28 -39.64 -15.62
N GLY D 9 27.54 -39.72 -16.01
CA GLY D 9 28.09 -40.95 -16.54
C GLY D 9 29.34 -40.69 -17.36
N LEU D 10 29.91 -41.78 -17.87
CA LEU D 10 31.15 -41.69 -18.62
C LEU D 10 30.87 -41.11 -20.01
N VAL D 11 31.58 -40.03 -20.35
CA VAL D 11 31.42 -39.36 -21.63
C VAL D 11 32.80 -39.19 -22.28
N GLN D 12 32.80 -39.06 -23.60
CA GLN D 12 34.01 -38.85 -24.35
C GLN D 12 34.45 -37.38 -24.25
N PRO D 13 35.75 -37.12 -24.32
CA PRO D 13 36.22 -35.73 -24.31
C PRO D 13 35.65 -34.94 -25.48
N GLY D 14 35.29 -33.69 -25.22
CA GLY D 14 34.67 -32.85 -26.22
C GLY D 14 33.19 -33.11 -26.44
N GLY D 15 32.59 -34.02 -25.66
CA GLY D 15 31.19 -34.37 -25.82
C GLY D 15 30.27 -33.43 -25.05
N SER D 16 29.00 -33.81 -25.03
CA SER D 16 27.96 -33.03 -24.36
C SER D 16 27.13 -33.95 -23.48
N ARG D 17 26.68 -33.42 -22.35
CA ARG D 17 25.86 -34.17 -21.41
C ARG D 17 24.90 -33.21 -20.73
N LYS D 18 23.71 -33.72 -20.39
CA LYS D 18 22.65 -32.93 -19.79
C LYS D 18 22.35 -33.47 -18.40
N LEU D 19 22.58 -32.65 -17.38
CA LEU D 19 22.30 -33.02 -16.00
C LEU D 19 20.97 -32.44 -15.55
N SER D 20 20.21 -33.24 -14.82
CA SER D 20 18.90 -32.83 -14.32
C SER D 20 18.89 -32.88 -12.80
N CYS D 21 18.16 -31.95 -12.19
CA CYS D 21 17.99 -31.92 -10.74
C CYS D 21 16.50 -31.75 -10.44
N SER D 22 15.86 -32.83 -10.00
CA SER D 22 14.44 -32.79 -9.66
C SER D 22 14.27 -32.47 -8.18
N ALA D 23 13.42 -31.49 -7.89
CA ALA D 23 13.19 -31.04 -6.53
C ALA D 23 11.80 -31.43 -6.06
N SER D 24 11.72 -31.93 -4.83
CA SER D 24 10.45 -32.28 -4.22
C SER D 24 10.46 -31.89 -2.75
N GLY D 25 9.28 -31.57 -2.22
CA GLY D 25 9.12 -31.26 -0.82
C GLY D 25 9.37 -29.82 -0.43
N PHE D 26 9.59 -28.92 -1.38
CA PHE D 26 9.73 -27.51 -1.07
C PHE D 26 9.36 -26.68 -2.28
N ALA D 27 9.13 -25.39 -2.05
CA ALA D 27 8.75 -24.47 -3.12
C ALA D 27 9.93 -24.18 -4.01
N PHE D 28 10.07 -24.95 -5.09
CA PHE D 28 11.26 -24.88 -5.93
C PHE D 28 11.43 -23.51 -6.56
N SER D 29 10.34 -22.90 -7.03
CA SER D 29 10.44 -21.63 -7.73
C SER D 29 10.91 -20.48 -6.83
N SER D 30 10.85 -20.65 -5.51
CA SER D 30 11.26 -19.59 -4.60
C SER D 30 12.75 -19.58 -4.30
N PHE D 31 13.47 -20.64 -4.68
CA PHE D 31 14.87 -20.79 -4.34
C PHE D 31 15.74 -20.56 -5.56
N GLY D 32 16.82 -19.81 -5.38
CA GLY D 32 17.91 -19.84 -6.34
C GLY D 32 18.66 -21.15 -6.25
N MET D 33 19.27 -21.55 -7.37
CA MET D 33 19.91 -22.84 -7.47
C MET D 33 21.35 -22.69 -7.94
N HIS D 34 22.23 -23.48 -7.34
CA HIS D 34 23.63 -23.53 -7.73
C HIS D 34 24.00 -24.95 -8.15
N TRP D 35 24.95 -25.06 -9.06
CA TRP D 35 25.66 -26.30 -9.31
C TRP D 35 27.06 -26.19 -8.73
N VAL D 36 27.42 -27.15 -7.88
CA VAL D 36 28.76 -27.23 -7.30
C VAL D 36 29.31 -28.61 -7.61
N ARG D 37 30.54 -28.67 -8.11
CA ARG D 37 31.20 -29.93 -8.43
C ARG D 37 32.38 -30.16 -7.51
N GLN D 38 32.78 -31.43 -7.41
CA GLN D 38 33.90 -31.84 -6.57
C GLN D 38 34.70 -32.88 -7.34
N ALA D 39 35.92 -32.52 -7.74
CA ALA D 39 36.78 -33.46 -8.43
C ALA D 39 37.18 -34.58 -7.48
N PRO D 40 37.40 -35.79 -8.00
CA PRO D 40 37.77 -36.92 -7.13
C PRO D 40 39.02 -36.61 -6.33
N GLU D 41 38.94 -36.86 -5.02
CA GLU D 41 40.02 -36.56 -4.08
C GLU D 41 40.41 -35.09 -4.15
N LYS D 42 39.43 -34.21 -4.32
CA LYS D 42 39.65 -32.78 -4.36
C LYS D 42 38.50 -32.09 -3.61
N GLY D 43 38.60 -30.76 -3.53
CA GLY D 43 37.61 -29.97 -2.83
C GLY D 43 36.45 -29.56 -3.72
N LEU D 44 35.57 -28.73 -3.16
CA LEU D 44 34.38 -28.29 -3.86
C LEU D 44 34.70 -27.12 -4.79
N GLU D 45 34.00 -27.06 -5.92
CA GLU D 45 34.18 -26.01 -6.90
C GLU D 45 32.82 -25.57 -7.43
N TRP D 46 32.51 -24.29 -7.28
CA TRP D 46 31.23 -23.77 -7.74
C TRP D 46 31.22 -23.66 -9.26
N VAL D 47 30.09 -24.04 -9.87
CA VAL D 47 29.97 -24.12 -11.33
C VAL D 47 29.11 -22.99 -11.87
N ALA D 48 27.86 -22.88 -11.40
CA ALA D 48 26.91 -21.95 -11.99
C ALA D 48 25.85 -21.59 -10.96
N TYR D 49 25.09 -20.54 -11.29
CA TYR D 49 23.99 -20.08 -10.44
C TYR D 49 22.88 -19.55 -11.34
N ILE D 50 21.65 -19.93 -11.02
CA ILE D 50 20.46 -19.34 -11.63
C ILE D 50 19.53 -18.87 -10.51
N SER D 51 19.05 -17.64 -10.63
CA SER D 51 18.26 -17.05 -9.57
C SER D 51 16.82 -17.54 -9.63
N SER D 52 16.07 -17.26 -8.57
CA SER D 52 14.63 -17.45 -8.60
C SER D 52 13.99 -16.55 -9.64
N GLY D 53 13.14 -17.12 -10.49
CA GLY D 53 12.60 -16.39 -11.61
C GLY D 53 13.47 -16.35 -12.84
N SER D 54 14.64 -16.99 -12.79
CA SER D 54 15.52 -17.16 -13.95
C SER D 54 16.04 -15.84 -14.49
N GLY D 55 15.95 -14.77 -13.71
CA GLY D 55 16.36 -13.47 -14.20
C GLY D 55 17.85 -13.24 -14.19
N THR D 56 18.56 -13.88 -13.26
CA THR D 56 19.99 -13.70 -13.10
C THR D 56 20.69 -15.05 -13.23
N ILE D 57 21.75 -15.10 -14.03
CA ILE D 57 22.50 -16.32 -14.27
C ILE D 57 23.98 -15.98 -14.18
N TYR D 58 24.73 -16.78 -13.43
CA TYR D 58 26.17 -16.62 -13.28
C TYR D 58 26.88 -17.93 -13.59
N TYR D 59 28.09 -17.81 -14.12
CA TYR D 59 28.93 -18.96 -14.44
C TYR D 59 30.33 -18.75 -13.89
N ALA D 60 31.00 -19.84 -13.58
CA ALA D 60 32.43 -19.79 -13.29
C ALA D 60 33.22 -19.57 -14.57
N ASP D 61 34.39 -18.92 -14.42
CA ASP D 61 35.19 -18.59 -15.59
C ASP D 61 35.67 -19.84 -16.32
N THR D 62 35.96 -20.91 -15.58
CA THR D 62 36.47 -22.13 -16.19
C THR D 62 35.41 -22.85 -17.01
N VAL D 63 34.14 -22.50 -16.83
CA VAL D 63 33.04 -23.15 -17.55
C VAL D 63 32.21 -22.16 -18.36
N LYS D 64 32.45 -20.86 -18.24
CA LYS D 64 31.64 -19.88 -18.95
C LYS D 64 31.79 -20.03 -20.45
N GLY D 65 30.66 -20.01 -21.16
CA GLY D 65 30.64 -20.24 -22.58
C GLY D 65 30.40 -21.68 -22.99
N ARG D 66 30.70 -22.64 -22.13
CA ARG D 66 30.49 -24.05 -22.42
C ARG D 66 29.30 -24.64 -21.68
N PHE D 67 28.99 -24.17 -20.48
CA PHE D 67 27.88 -24.69 -19.69
C PHE D 67 26.70 -23.73 -19.77
N THR D 68 25.49 -24.28 -19.81
CA THR D 68 24.26 -23.50 -19.74
C THR D 68 23.36 -24.08 -18.66
N ILE D 69 22.94 -23.24 -17.72
CA ILE D 69 22.10 -23.64 -16.60
C ILE D 69 20.71 -23.07 -16.82
N SER D 70 19.69 -23.90 -16.61
CA SER D 70 18.31 -23.51 -16.81
C SER D 70 17.43 -24.28 -15.84
N ARG D 71 16.21 -23.79 -15.65
CA ARG D 71 15.27 -24.41 -14.74
C ARG D 71 13.89 -24.46 -15.38
N ASP D 72 13.09 -25.44 -14.95
CA ASP D 72 11.69 -25.57 -15.35
C ASP D 72 10.85 -25.57 -14.08
N ASP D 73 10.36 -24.38 -13.71
CA ASP D 73 9.63 -24.24 -12.44
C ASP D 73 8.37 -25.10 -12.37
N PRO D 74 7.51 -25.17 -13.40
CA PRO D 74 6.34 -26.05 -13.29
C PRO D 74 6.70 -27.51 -13.07
N LYS D 75 7.80 -27.99 -13.65
CA LYS D 75 8.23 -29.38 -13.47
C LYS D 75 9.19 -29.55 -12.30
N ASN D 76 9.60 -28.46 -11.66
CA ASN D 76 10.54 -28.49 -10.54
C ASN D 76 11.83 -29.21 -10.91
N THR D 77 12.36 -28.89 -12.09
CA THR D 77 13.58 -29.51 -12.60
C THR D 77 14.62 -28.44 -12.85
N LEU D 78 15.85 -28.70 -12.41
CA LEU D 78 17.00 -27.87 -12.69
C LEU D 78 17.90 -28.56 -13.71
N PHE D 79 18.37 -27.81 -14.69
CA PHE D 79 19.14 -28.37 -15.79
C PHE D 79 20.54 -27.76 -15.83
N LEU D 80 21.47 -28.54 -16.37
CA LEU D 80 22.83 -28.06 -16.66
C LEU D 80 23.25 -28.67 -18.00
N GLN D 81 23.22 -27.86 -19.05
CA GLN D 81 23.66 -28.29 -20.37
C GLN D 81 25.15 -28.02 -20.50
N MET D 82 25.92 -29.08 -20.75
CA MET D 82 27.37 -29.00 -20.85
C MET D 82 27.82 -29.32 -22.27
N THR D 83 28.81 -28.57 -22.74
CA THR D 83 29.36 -28.76 -24.07
C THR D 83 30.88 -28.67 -24.00
N SER D 84 31.53 -29.31 -24.97
CA SER D 84 33.00 -29.32 -25.08
C SER D 84 33.64 -29.83 -23.80
N LEU D 85 33.13 -30.95 -23.30
CA LEU D 85 33.57 -31.47 -22.02
C LEU D 85 35.03 -31.89 -22.07
N ARG D 86 35.79 -31.48 -21.05
CA ARG D 86 37.22 -31.77 -20.94
C ARG D 86 37.45 -32.74 -19.79
N SER D 87 38.68 -33.26 -19.73
CA SER D 87 39.05 -34.14 -18.63
C SER D 87 39.04 -33.41 -17.29
N GLU D 88 39.12 -32.08 -17.31
CA GLU D 88 39.04 -31.28 -16.09
C GLU D 88 37.63 -31.23 -15.51
N ASP D 89 36.62 -31.67 -16.25
CA ASP D 89 35.24 -31.62 -15.80
C ASP D 89 34.80 -32.90 -15.09
N THR D 90 35.67 -33.89 -14.94
CA THR D 90 35.31 -35.13 -14.25
C THR D 90 35.14 -34.83 -12.77
N ALA D 91 33.90 -34.87 -12.30
CA ALA D 91 33.61 -34.55 -10.91
C ALA D 91 32.22 -35.03 -10.56
N MET D 92 31.91 -35.00 -9.26
CA MET D 92 30.56 -35.21 -8.76
C MET D 92 29.86 -33.86 -8.67
N TYR D 93 28.74 -33.73 -9.37
CA TYR D 93 28.02 -32.47 -9.47
C TYR D 93 26.84 -32.46 -8.50
N TYR D 94 26.82 -31.46 -7.61
CA TYR D 94 25.79 -31.36 -6.59
C TYR D 94 24.81 -30.25 -6.94
N CYS D 95 23.53 -30.51 -6.68
CA CYS D 95 22.47 -29.54 -6.86
C CYS D 95 22.17 -28.89 -5.50
N VAL D 96 22.31 -27.57 -5.42
CA VAL D 96 22.21 -26.84 -4.16
C VAL D 96 21.13 -25.76 -4.29
N ARG D 97 20.21 -25.74 -3.33
CA ARG D 97 19.22 -24.69 -3.24
C ARG D 97 19.71 -23.56 -2.34
N SER D 98 19.29 -22.34 -2.66
CA SER D 98 19.68 -21.17 -1.85
C SER D 98 18.65 -20.08 -2.05
N ILE D 99 18.04 -19.63 -0.96
CA ILE D 99 17.07 -18.54 -0.98
C ILE D 99 17.71 -17.35 -0.27
N TYR D 100 17.42 -16.15 -0.76
CA TYR D 100 18.09 -14.95 -0.28
C TYR D 100 17.05 -13.92 0.15
N TYR D 101 16.93 -13.74 1.46
CA TYR D 101 16.22 -12.61 2.06
C TYR D 101 16.86 -12.37 3.41
N TYR D 102 16.43 -11.31 4.08
CA TYR D 102 17.00 -10.97 5.38
C TYR D 102 16.80 -12.12 6.36
N GLY D 103 17.91 -12.67 6.84
CA GLY D 103 17.87 -13.78 7.78
C GLY D 103 17.76 -15.15 7.17
N SER D 104 17.78 -15.27 5.84
CA SER D 104 17.70 -16.58 5.21
C SER D 104 19.02 -17.34 5.39
N SER D 105 18.98 -18.63 5.07
CA SER D 105 20.14 -19.52 5.16
C SER D 105 20.42 -20.09 3.77
N PRO D 106 21.20 -19.40 2.94
CA PRO D 106 21.55 -19.95 1.64
C PRO D 106 22.42 -21.19 1.78
N PHE D 107 22.38 -22.03 0.74
CA PHE D 107 23.17 -23.26 0.67
C PHE D 107 22.79 -24.24 1.76
N ASP D 108 21.54 -24.20 2.21
CA ASP D 108 21.12 -25.01 3.34
C ASP D 108 20.94 -26.47 2.97
N PHE D 109 20.52 -26.78 1.75
CA PHE D 109 20.29 -28.15 1.33
C PHE D 109 21.08 -28.47 0.07
N TRP D 110 21.76 -29.61 0.08
CA TRP D 110 22.52 -30.11 -1.06
C TRP D 110 21.91 -31.41 -1.53
N GLY D 111 22.05 -31.68 -2.84
CA GLY D 111 21.62 -32.96 -3.38
C GLY D 111 22.63 -34.07 -3.17
N GLN D 112 22.20 -35.29 -3.52
CA GLN D 112 23.05 -36.45 -3.37
C GLN D 112 24.19 -36.47 -4.39
N GLY D 113 23.99 -35.82 -5.52
CA GLY D 113 25.04 -35.65 -6.51
C GLY D 113 24.97 -36.72 -7.60
N THR D 114 25.50 -36.36 -8.77
CA THR D 114 25.63 -37.28 -9.89
C THR D 114 27.07 -37.25 -10.38
N THR D 115 27.59 -38.41 -10.76
CA THR D 115 29.01 -38.56 -11.10
C THR D 115 29.18 -38.44 -12.61
N LEU D 116 30.08 -37.55 -13.03
CA LEU D 116 30.45 -37.38 -14.43
C LEU D 116 31.90 -37.77 -14.61
N THR D 117 32.17 -38.65 -15.58
CA THR D 117 33.52 -39.08 -15.89
C THR D 117 33.82 -38.78 -17.35
N VAL D 118 34.94 -38.12 -17.60
CA VAL D 118 35.38 -37.76 -18.94
C VAL D 118 36.63 -38.58 -19.27
N SER D 119 36.62 -39.23 -20.43
CA SER D 119 37.72 -40.11 -20.82
C SER D 119 39.00 -39.31 -21.11
N ASP D 136 39.01 -12.98 -8.02
CA ASP D 136 38.61 -14.17 -7.30
C ASP D 136 39.19 -14.19 -5.89
N ILE D 137 38.29 -14.25 -4.89
CA ILE D 137 38.73 -14.35 -3.51
C ILE D 137 39.31 -15.73 -3.26
N VAL D 138 40.49 -15.78 -2.66
CA VAL D 138 41.20 -17.03 -2.36
C VAL D 138 40.89 -17.42 -0.92
N MET D 139 40.29 -18.59 -0.75
CA MET D 139 40.00 -19.14 0.57
C MET D 139 41.03 -20.21 0.89
N THR D 140 41.72 -20.05 2.02
CA THR D 140 42.85 -20.90 2.37
C THR D 140 42.54 -21.69 3.63
N GLN D 141 42.70 -23.00 3.57
CA GLN D 141 42.66 -23.90 4.72
C GLN D 141 43.96 -24.67 4.73
N ALA D 142 45.00 -24.08 5.34
CA ALA D 142 46.34 -24.66 5.26
C ALA D 142 46.38 -26.05 5.90
N THR D 143 45.72 -26.21 7.05
CA THR D 143 45.72 -27.49 7.74
C THR D 143 44.84 -28.47 6.98
N SER D 144 45.47 -29.42 6.27
CA SER D 144 44.69 -30.39 5.49
C SER D 144 44.01 -31.41 6.38
N SER D 145 44.69 -31.88 7.42
CA SER D 145 44.15 -32.91 8.29
C SER D 145 44.44 -32.56 9.75
N VAL D 146 43.55 -33.01 10.63
CA VAL D 146 43.69 -32.77 12.07
C VAL D 146 43.35 -34.06 12.82
N PRO D 147 44.29 -34.65 13.55
CA PRO D 147 43.96 -35.83 14.37
C PRO D 147 43.18 -35.41 15.61
N VAL D 148 42.03 -36.06 15.82
CA VAL D 148 41.11 -35.68 16.88
C VAL D 148 40.71 -36.92 17.67
N THR D 149 40.21 -36.68 18.88
CA THR D 149 39.68 -37.72 19.74
C THR D 149 38.30 -37.31 20.24
N PRO D 150 37.40 -38.27 20.43
CA PRO D 150 36.03 -37.94 20.84
C PRO D 150 36.01 -37.22 22.17
N GLY D 151 35.09 -36.27 22.31
CA GLY D 151 34.94 -35.51 23.53
C GLY D 151 35.89 -34.36 23.71
N GLU D 152 36.77 -34.10 22.75
CA GLU D 152 37.76 -33.04 22.85
C GLU D 152 37.40 -31.90 21.88
N SER D 153 37.75 -30.69 22.28
CA SER D 153 37.40 -29.51 21.49
C SER D 153 38.38 -29.34 20.33
N VAL D 154 37.83 -29.03 19.16
CA VAL D 154 38.62 -28.87 17.95
C VAL D 154 38.31 -27.52 17.32
N SER D 155 39.34 -26.86 16.81
CA SER D 155 39.20 -25.59 16.10
C SER D 155 39.76 -25.72 14.70
N ILE D 156 39.02 -25.19 13.73
CA ILE D 156 39.41 -25.20 12.32
C ILE D 156 39.52 -23.76 11.86
N SER D 157 40.60 -23.43 11.15
CA SER D 157 40.88 -22.06 10.73
C SER D 157 40.67 -21.91 9.23
N CYS D 158 40.19 -20.74 8.83
CA CYS D 158 40.01 -20.39 7.43
C CYS D 158 40.51 -18.97 7.21
N ARG D 159 41.05 -18.72 6.02
CA ARG D 159 41.57 -17.42 5.67
C ARG D 159 41.05 -17.02 4.30
N SER D 160 40.92 -15.71 4.08
CA SER D 160 40.45 -15.16 2.81
C SER D 160 41.41 -14.07 2.34
N SER D 161 41.60 -14.00 1.03
CA SER D 161 42.46 -12.97 0.46
C SER D 161 41.85 -11.58 0.63
N LYS D 162 40.52 -11.48 0.57
CA LYS D 162 39.82 -10.22 0.77
C LYS D 162 38.98 -10.29 2.03
N SER D 163 38.69 -9.11 2.60
CA SER D 163 37.81 -9.04 3.75
C SER D 163 36.38 -9.39 3.33
N LEU D 164 35.80 -10.38 4.01
CA LEU D 164 34.43 -10.80 3.75
C LEU D 164 33.40 -9.97 4.49
N LEU D 165 33.83 -9.02 5.32
CA LEU D 165 32.90 -8.14 6.02
C LEU D 165 32.43 -7.03 5.08
N HIS D 166 31.13 -6.98 4.84
CA HIS D 166 30.53 -5.96 3.99
C HIS D 166 30.17 -4.74 4.81
N SER D 167 29.92 -3.63 4.11
CA SER D 167 29.56 -2.39 4.77
C SER D 167 28.19 -2.44 5.44
N ASN D 168 27.39 -3.46 5.16
CA ASN D 168 26.09 -3.61 5.80
C ASN D 168 26.16 -4.39 7.12
N GLY D 169 27.34 -4.81 7.53
CA GLY D 169 27.53 -5.53 8.77
C GLY D 169 27.59 -7.03 8.65
N ASN D 170 27.20 -7.59 7.51
CA ASN D 170 27.30 -9.02 7.29
C ASN D 170 28.73 -9.43 6.95
N THR D 171 29.13 -10.61 7.42
CA THR D 171 30.37 -11.26 7.00
C THR D 171 30.00 -12.54 6.27
N TYR D 172 30.12 -12.53 4.95
CA TYR D 172 29.58 -13.60 4.11
C TYR D 172 30.55 -14.78 4.05
N LEU D 173 30.64 -15.50 5.16
CA LEU D 173 31.44 -16.70 5.27
C LEU D 173 30.55 -17.88 5.67
N TYR D 174 30.71 -19.00 4.99
CA TYR D 174 29.90 -20.19 5.22
C TYR D 174 30.80 -21.36 5.58
N TRP D 175 30.28 -22.26 6.41
CA TRP D 175 30.97 -23.49 6.79
C TRP D 175 30.14 -24.69 6.39
N PHE D 176 30.77 -25.67 5.77
CA PHE D 176 30.11 -26.90 5.34
C PHE D 176 30.84 -28.10 5.91
N LEU D 177 30.08 -29.18 6.13
CA LEU D 177 30.64 -30.46 6.58
C LEU D 177 30.23 -31.55 5.60
N GLN D 178 31.20 -32.26 5.06
CA GLN D 178 30.97 -33.39 4.16
C GLN D 178 31.46 -34.66 4.85
N ARG D 179 30.53 -35.40 5.45
CA ARG D 179 30.88 -36.68 6.04
C ARG D 179 31.22 -37.68 4.95
N PRO D 180 32.04 -38.68 5.24
CA PRO D 180 32.46 -39.65 4.20
C PRO D 180 31.26 -40.37 3.61
N GLY D 181 31.13 -40.27 2.29
CA GLY D 181 30.02 -40.90 1.58
C GLY D 181 28.77 -40.07 1.50
N GLN D 182 28.74 -38.90 2.13
CA GLN D 182 27.55 -38.06 2.19
C GLN D 182 27.80 -36.73 1.49
N SER D 183 26.71 -36.05 1.15
CA SER D 183 26.79 -34.73 0.57
C SER D 183 27.12 -33.69 1.64
N PRO D 184 27.68 -32.55 1.25
CA PRO D 184 27.99 -31.51 2.24
C PRO D 184 26.72 -31.02 2.92
N GLN D 185 26.87 -30.61 4.18
CA GLN D 185 25.78 -30.03 4.95
C GLN D 185 26.22 -28.69 5.52
N LEU D 186 25.29 -27.74 5.54
CA LEU D 186 25.58 -26.41 6.07
C LEU D 186 25.67 -26.46 7.58
N LEU D 187 26.74 -25.88 8.13
CA LEU D 187 26.89 -25.73 9.57
C LEU D 187 26.70 -24.28 10.00
N ILE D 188 27.47 -23.36 9.45
CA ILE D 188 27.46 -21.96 9.84
C ILE D 188 27.27 -21.12 8.59
N TYR D 189 26.30 -20.22 8.61
CA TYR D 189 26.06 -19.31 7.50
C TYR D 189 26.24 -17.87 7.97
N ARG D 190 26.91 -17.07 7.13
CA ARG D 190 27.30 -15.70 7.46
C ARG D 190 28.12 -15.65 8.75
N MET D 191 29.01 -16.64 8.90
CA MET D 191 30.16 -16.64 9.80
C MET D 191 29.80 -16.82 11.27
N SER D 192 28.52 -16.65 11.63
CA SER D 192 28.15 -16.84 13.03
C SER D 192 26.87 -17.63 13.25
N ASN D 193 25.92 -17.62 12.32
CA ASN D 193 24.62 -18.23 12.54
C ASN D 193 24.69 -19.75 12.38
N LEU D 194 23.95 -20.45 13.23
CA LEU D 194 23.94 -21.91 13.23
C LEU D 194 22.77 -22.40 12.40
N ALA D 195 23.06 -23.31 11.47
CA ALA D 195 22.02 -23.81 10.57
C ALA D 195 21.03 -24.70 11.31
N SER D 196 19.81 -24.75 10.77
CA SER D 196 18.74 -25.55 11.37
C SER D 196 19.10 -27.03 11.35
N GLY D 197 18.90 -27.70 12.49
CA GLY D 197 19.22 -29.10 12.61
C GLY D 197 20.66 -29.41 12.96
N VAL D 198 21.45 -28.39 13.28
CA VAL D 198 22.88 -28.56 13.60
C VAL D 198 23.04 -28.43 15.10
N PRO D 199 23.77 -29.33 15.77
CA PRO D 199 23.93 -29.22 17.22
C PRO D 199 24.64 -27.93 17.61
N ASP D 200 24.29 -27.43 18.80
CA ASP D 200 24.82 -26.16 19.29
C ASP D 200 26.31 -26.21 19.61
N ARG D 201 26.92 -27.41 19.64
CA ARG D 201 28.35 -27.49 19.94
C ARG D 201 29.19 -26.80 18.89
N PHE D 202 28.73 -26.78 17.64
CA PHE D 202 29.42 -26.02 16.59
C PHE D 202 29.24 -24.53 16.83
N SER D 203 30.33 -23.78 16.71
CA SER D 203 30.29 -22.33 16.85
C SER D 203 31.25 -21.71 15.85
N GLY D 204 30.80 -20.66 15.17
CA GLY D 204 31.60 -19.96 14.19
C GLY D 204 32.01 -18.59 14.71
N SER D 205 33.31 -18.33 14.66
CA SER D 205 33.88 -17.06 15.09
C SER D 205 34.84 -16.57 14.01
N GLY D 206 34.82 -15.26 13.77
CA GLY D 206 35.72 -14.71 12.77
C GLY D 206 35.78 -13.20 12.88
N SER D 207 36.72 -12.63 12.13
CA SER D 207 36.83 -11.18 11.97
C SER D 207 37.62 -10.89 10.72
N GLY D 208 37.10 -10.00 9.88
CA GLY D 208 37.83 -9.57 8.70
C GLY D 208 38.15 -10.71 7.74
N THR D 209 39.41 -11.14 7.72
CA THR D 209 39.86 -12.18 6.82
C THR D 209 40.16 -13.50 7.52
N ALA D 210 40.12 -13.55 8.85
CA ALA D 210 40.48 -14.74 9.60
C ALA D 210 39.24 -15.27 10.31
N PHE D 211 38.96 -16.55 10.14
CA PHE D 211 37.76 -17.18 10.68
C PHE D 211 38.12 -18.51 11.34
N THR D 212 37.36 -18.84 12.38
CA THR D 212 37.60 -20.06 13.15
C THR D 212 36.28 -20.78 13.37
N LEU D 213 36.28 -22.09 13.14
CA LEU D 213 35.14 -22.96 13.46
C LEU D 213 35.53 -23.82 14.65
N THR D 214 34.85 -23.63 15.78
CA THR D 214 35.15 -24.35 17.00
C THR D 214 34.13 -25.46 17.20
N ILE D 215 34.62 -26.68 17.45
CA ILE D 215 33.77 -27.85 17.63
C ILE D 215 34.03 -28.37 19.04
N SER D 216 33.17 -28.01 19.98
CA SER D 216 33.32 -28.47 21.35
C SER D 216 32.71 -29.87 21.50
N ARG D 217 33.40 -30.72 22.26
CA ARG D 217 32.93 -32.08 22.53
C ARG D 217 32.68 -32.85 21.24
N LEU D 218 33.75 -33.06 20.48
CA LEU D 218 33.66 -33.73 19.20
C LEU D 218 33.07 -35.13 19.35
N GLU D 219 32.27 -35.54 18.37
CA GLU D 219 31.62 -36.84 18.35
C GLU D 219 31.98 -37.57 17.06
N ALA D 220 31.52 -38.82 16.96
CA ALA D 220 31.83 -39.64 15.79
C ALA D 220 31.23 -39.05 14.53
N GLU D 221 30.01 -38.49 14.62
CA GLU D 221 29.35 -37.94 13.43
C GLU D 221 30.11 -36.75 12.87
N ASP D 222 30.78 -35.98 13.73
CA ASP D 222 31.49 -34.79 13.28
C ASP D 222 32.69 -35.10 12.40
N VAL D 223 33.15 -36.36 12.38
CA VAL D 223 34.27 -36.73 11.53
C VAL D 223 33.93 -36.49 10.08
N GLY D 224 34.81 -35.79 9.38
CA GLY D 224 34.60 -35.50 7.98
C GLY D 224 35.50 -34.36 7.53
N VAL D 225 35.24 -33.89 6.31
CA VAL D 225 35.94 -32.76 5.73
C VAL D 225 35.12 -31.50 5.92
N TYR D 226 35.77 -30.42 6.33
CA TYR D 226 35.11 -29.14 6.56
C TYR D 226 35.58 -28.12 5.53
N TYR D 227 34.64 -27.46 4.86
CA TYR D 227 34.94 -26.47 3.84
C TYR D 227 34.40 -25.11 4.28
N CYS D 228 35.20 -24.07 4.09
CA CYS D 228 34.75 -22.70 4.25
C CYS D 228 34.57 -22.05 2.89
N MET D 229 33.40 -21.44 2.68
CA MET D 229 33.04 -20.82 1.42
C MET D 229 32.72 -19.35 1.66
N GLN D 230 33.10 -18.50 0.71
CA GLN D 230 32.74 -17.09 0.74
C GLN D 230 31.58 -16.84 -0.22
N HIS D 231 30.65 -15.99 0.20
CA HIS D 231 29.53 -15.58 -0.63
C HIS D 231 29.48 -14.07 -0.79
N LEU D 232 30.64 -13.41 -0.64
CA LEU D 232 30.69 -11.96 -0.80
C LEU D 232 30.40 -11.55 -2.23
N GLU D 233 30.92 -12.30 -3.19
CA GLU D 233 30.74 -11.95 -4.60
C GLU D 233 30.97 -13.21 -5.44
N TYR D 234 30.51 -13.15 -6.68
CA TYR D 234 30.73 -14.24 -7.62
C TYR D 234 32.06 -14.05 -8.36
N PRO D 235 32.78 -15.14 -8.64
CA PRO D 235 32.43 -16.54 -8.39
C PRO D 235 32.63 -16.99 -6.96
N LEU D 236 31.71 -17.80 -6.44
CA LEU D 236 31.85 -18.35 -5.09
C LEU D 236 33.00 -19.34 -5.05
N THR D 237 33.89 -19.18 -4.07
CA THR D 237 35.08 -20.01 -3.95
C THR D 237 35.09 -20.74 -2.62
N PHE D 238 35.60 -21.96 -2.64
CA PHE D 238 35.68 -22.83 -1.48
C PHE D 238 37.13 -22.93 -1.01
N GLY D 239 37.31 -23.21 0.27
CA GLY D 239 38.63 -23.57 0.75
C GLY D 239 39.01 -24.99 0.37
N ALA D 240 40.29 -25.30 0.58
CA ALA D 240 40.79 -26.64 0.26
C ALA D 240 40.06 -27.71 1.05
N GLY D 241 39.78 -27.45 2.30
CA GLY D 241 39.08 -28.39 3.16
C GLY D 241 40.00 -28.96 4.22
N THR D 242 39.48 -29.10 5.43
CA THR D 242 40.21 -29.69 6.55
C THR D 242 39.53 -30.99 6.95
N LYS D 243 40.29 -32.08 6.94
CA LYS D 243 39.75 -33.40 7.25
C LYS D 243 39.98 -33.71 8.73
N LEU D 244 38.95 -34.23 9.38
CA LEU D 244 39.05 -34.71 10.76
C LEU D 244 39.10 -36.23 10.77
N GLU D 245 40.11 -36.78 11.44
CA GLU D 245 40.28 -38.22 11.54
C GLU D 245 40.55 -38.60 13.00
N LEU D 246 40.12 -39.80 13.36
CA LEU D 246 40.31 -40.29 14.72
C LEU D 246 41.66 -40.97 14.89
N ASN E 111 10.53 43.47 -38.51
CA ASN E 111 9.33 44.22 -38.18
C ASN E 111 8.36 43.38 -37.37
N ARG E 112 7.79 42.35 -38.01
CA ARG E 112 6.85 41.47 -37.33
C ARG E 112 7.54 40.56 -36.32
N LEU E 113 8.83 40.32 -36.45
CA LEU E 113 9.57 39.47 -35.53
C LEU E 113 10.43 40.32 -34.60
N SER E 114 10.49 39.91 -33.34
CA SER E 114 11.25 40.63 -32.33
C SER E 114 11.66 39.65 -31.23
N VAL E 115 12.63 40.08 -30.42
CA VAL E 115 13.10 39.25 -29.33
C VAL E 115 12.00 39.04 -28.29
N PHE E 116 11.27 40.11 -27.96
CA PHE E 116 10.28 40.04 -26.90
C PHE E 116 9.07 39.18 -27.27
N PHE E 117 8.84 38.96 -28.57
CA PHE E 117 7.73 38.09 -28.97
C PHE E 117 7.93 36.68 -28.47
N SER E 118 9.16 36.16 -28.57
CA SER E 118 9.45 34.80 -28.11
C SER E 118 9.55 34.72 -26.59
N VAL E 119 10.03 35.80 -25.94
CA VAL E 119 10.20 35.78 -24.50
C VAL E 119 8.85 35.74 -23.79
N ILE E 120 7.90 36.59 -24.24
CA ILE E 120 6.60 36.64 -23.60
C ILE E 120 5.87 35.31 -23.74
N PHE E 121 5.91 34.72 -24.93
CA PHE E 121 5.28 33.42 -25.13
C PHE E 121 5.95 32.35 -24.27
N MET E 122 7.27 32.41 -24.14
CA MET E 122 7.98 31.44 -23.30
C MET E 122 7.66 31.65 -21.83
N THR E 123 7.65 32.90 -21.37
CA THR E 123 7.42 33.18 -19.95
C THR E 123 6.02 32.73 -19.52
N VAL E 124 5.00 33.10 -20.27
CA VAL E 124 3.63 32.71 -19.92
C VAL E 124 3.45 31.20 -20.02
N GLY E 125 4.10 30.58 -20.99
CA GLY E 125 4.00 29.13 -21.12
C GLY E 125 4.67 28.40 -19.96
N ILE E 126 5.84 28.87 -19.53
CA ILE E 126 6.54 28.21 -18.43
C ILE E 126 5.78 28.40 -17.12
N LEU E 127 5.32 29.62 -16.84
CA LEU E 127 4.60 29.87 -15.61
C LEU E 127 3.29 29.11 -15.56
N SER E 128 2.55 29.08 -16.67
CA SER E 128 1.27 28.39 -16.70
C SER E 128 1.45 26.89 -16.54
N ASN E 129 2.50 26.32 -17.16
CA ASN E 129 2.73 24.90 -17.04
C ASN E 129 3.27 24.52 -15.67
N SER E 130 4.19 25.34 -15.13
CA SER E 130 4.69 25.08 -13.79
C SER E 130 3.59 25.16 -12.75
N LEU E 131 2.70 26.15 -12.90
CA LEU E 131 1.58 26.28 -11.96
C LEU E 131 0.64 25.07 -12.05
N ALA E 132 0.41 24.57 -13.26
CA ALA E 132 -0.47 23.41 -13.40
C ALA E 132 0.20 22.12 -12.95
N ILE E 133 1.54 22.05 -13.03
CA ILE E 133 2.24 20.86 -12.57
C ILE E 133 2.08 20.69 -11.07
N ALA E 134 2.22 21.77 -10.30
CA ALA E 134 2.07 21.68 -8.85
C ALA E 134 0.67 21.25 -8.46
N ILE E 135 -0.35 21.81 -9.11
CA ILE E 135 -1.73 21.46 -8.80
C ILE E 135 -2.03 20.02 -9.21
N LEU E 136 -1.46 19.58 -10.34
CA LEU E 136 -1.66 18.20 -10.78
C LEU E 136 -1.03 17.21 -9.81
N MET E 137 0.14 17.53 -9.27
CA MET E 137 0.82 16.61 -8.36
C MET E 137 0.02 16.43 -7.07
N LYS E 138 -0.44 17.54 -6.47
CA LYS E 138 -1.24 17.44 -5.26
C LYS E 138 -2.57 16.75 -5.51
N ALA E 139 -3.21 17.06 -6.65
CA ALA E 139 -4.51 16.47 -6.94
C ALA E 139 -4.40 14.98 -7.25
N TYR E 140 -3.28 14.53 -7.83
CA TYR E 140 -3.15 13.13 -8.17
C TYR E 140 -3.14 12.25 -6.92
N GLN E 141 -2.46 12.69 -5.86
CA GLN E 141 -2.42 11.92 -4.63
C GLN E 141 -3.81 11.76 -4.02
N ARG E 142 -4.65 12.80 -4.15
CA ARG E 142 -6.02 12.71 -3.67
C ARG E 142 -6.83 11.67 -4.44
N PHE E 143 -6.65 11.61 -5.77
CA PHE E 143 -7.49 10.77 -6.61
C PHE E 143 -6.92 9.39 -6.89
N ARG E 144 -5.62 9.18 -6.67
CA ARG E 144 -5.06 7.84 -6.88
C ARG E 144 -5.68 6.81 -5.96
N GLN E 145 -6.21 7.24 -4.81
CA GLN E 145 -6.83 6.31 -3.88
C GLN E 145 -8.20 5.85 -4.38
N LYS E 146 -8.97 6.77 -4.96
CA LYS E 146 -10.32 6.42 -5.42
C LYS E 146 -10.27 5.58 -6.69
N SER E 147 -9.38 5.92 -7.63
CA SER E 147 -9.26 5.19 -8.88
C SER E 147 -7.86 5.41 -9.44
N LYS E 148 -7.62 4.85 -10.63
CA LYS E 148 -6.31 4.96 -11.25
C LYS E 148 -5.98 6.38 -11.67
N ALA E 149 -6.99 7.26 -11.80
CA ALA E 149 -6.79 8.66 -12.19
C ALA E 149 -6.06 8.76 -13.52
N SER E 150 -6.65 8.15 -14.55
CA SER E 150 -6.02 8.11 -15.86
C SER E 150 -5.90 9.51 -16.47
N PHE E 151 -6.91 10.34 -16.29
CA PHE E 151 -6.86 11.71 -16.83
C PHE E 151 -5.73 12.50 -16.18
N LEU E 152 -5.53 12.34 -14.87
CA LEU E 152 -4.49 13.08 -14.18
C LEU E 152 -3.10 12.69 -14.66
N LEU E 153 -2.89 11.41 -14.96
CA LEU E 153 -1.61 10.98 -15.51
C LEU E 153 -1.37 11.60 -16.88
N LEU E 154 -2.36 11.52 -17.77
CA LEU E 154 -2.21 12.10 -19.11
C LEU E 154 -2.08 13.62 -19.05
N ALA E 155 -2.89 14.27 -18.22
CA ALA E 155 -2.79 15.72 -18.09
C ALA E 155 -1.45 16.14 -17.52
N SER E 156 -0.86 15.31 -16.63
CA SER E 156 0.48 15.61 -16.15
C SER E 156 1.51 15.50 -17.26
N GLY E 157 1.39 14.48 -18.10
CA GLY E 157 2.31 14.33 -19.22
C GLY E 157 2.21 15.47 -20.22
N LEU E 158 0.97 15.92 -20.50
CA LEU E 158 0.79 17.03 -21.43
C LEU E 158 1.43 18.30 -20.92
N VAL E 159 1.20 18.63 -19.65
CA VAL E 159 1.73 19.88 -19.09
C VAL E 159 3.25 19.82 -18.98
N ILE E 160 3.80 18.65 -18.63
CA ILE E 160 5.24 18.49 -18.58
C ILE E 160 5.85 18.62 -19.97
N THR E 161 5.23 18.00 -20.97
CA THR E 161 5.74 18.10 -22.33
C THR E 161 5.69 19.54 -22.83
N ASP E 162 4.60 20.25 -22.56
CA ASP E 162 4.52 21.66 -22.94
C ASP E 162 5.51 22.50 -22.16
N PHE E 163 5.81 22.12 -20.92
CA PHE E 163 6.80 22.87 -20.14
C PHE E 163 8.17 22.84 -20.79
N PHE E 164 8.59 21.67 -21.27
CA PHE E 164 9.86 21.58 -21.97
C PHE E 164 9.81 22.23 -23.35
N GLY E 165 8.64 22.19 -24.01
CA GLY E 165 8.51 22.83 -25.30
C GLY E 165 8.76 24.32 -25.24
N HIS E 166 8.18 24.99 -24.24
CA HIS E 166 8.45 26.41 -24.06
C HIS E 166 9.86 26.68 -23.56
N LEU E 167 10.49 25.70 -22.90
CA LEU E 167 11.82 25.88 -22.34
C LEU E 167 12.92 25.58 -23.35
N ILE E 168 12.89 24.37 -23.93
CA ILE E 168 13.93 23.97 -24.86
C ILE E 168 13.89 24.84 -26.11
N ASN E 169 12.70 24.98 -26.72
CA ASN E 169 12.57 25.78 -27.93
C ASN E 169 12.66 27.27 -27.61
N GLY E 170 12.21 27.69 -26.43
CA GLY E 170 12.33 29.08 -26.05
C GLY E 170 13.77 29.51 -25.87
N ALA E 171 14.59 28.67 -25.23
CA ALA E 171 15.99 29.02 -25.01
C ALA E 171 16.76 29.12 -26.33
N ILE E 172 16.51 28.19 -27.25
CA ILE E 172 17.18 28.24 -28.55
C ILE E 172 16.76 29.49 -29.32
N ALA E 173 15.46 29.80 -29.30
CA ALA E 173 14.97 30.96 -30.02
C ALA E 173 15.59 32.26 -29.48
N VAL E 174 15.68 32.38 -28.15
CA VAL E 174 16.30 33.56 -27.57
C VAL E 174 17.77 33.63 -27.93
N PHE E 175 18.44 32.47 -27.99
CA PHE E 175 19.85 32.44 -28.38
C PHE E 175 20.04 32.93 -29.80
N VAL E 176 19.16 32.54 -30.72
CA VAL E 176 19.28 32.98 -32.10
C VAL E 176 19.09 34.49 -32.21
N TYR E 177 18.10 35.00 -31.47
CA TYR E 177 17.82 36.46 -31.47
C TYR E 177 19.00 37.21 -30.87
N ALA E 178 19.58 36.67 -29.79
CA ALA E 178 20.72 37.31 -29.15
C ALA E 178 21.97 37.25 -30.01
N SER E 179 22.08 36.24 -30.87
CA SER E 179 23.22 36.10 -31.77
C SER E 179 23.05 36.88 -33.07
N ASP E 180 22.11 37.83 -33.10
CA ASP E 180 21.83 38.65 -34.28
C ASP E 180 21.44 37.80 -35.48
N LYS E 181 20.82 36.64 -35.22
CA LYS E 181 20.35 35.74 -36.28
C LYS E 181 21.48 35.35 -37.23
N GLU E 182 22.67 35.13 -36.68
CA GLU E 182 23.84 34.75 -37.46
C GLU E 182 23.95 33.23 -37.48
N TRP E 183 23.18 32.61 -38.37
CA TRP E 183 23.18 31.16 -38.47
C TRP E 183 24.45 30.64 -39.13
N ILE E 184 24.92 31.31 -40.18
CA ILE E 184 26.10 30.84 -40.90
C ILE E 184 27.35 30.96 -40.02
N ARG E 185 27.46 32.07 -39.28
CA ARG E 185 28.67 32.32 -38.50
C ARG E 185 28.82 31.34 -37.35
N PHE E 186 27.73 31.00 -36.67
CA PHE E 186 27.80 30.24 -35.44
C PHE E 186 27.16 28.85 -35.52
N ASP E 187 26.66 28.44 -36.67
CA ASP E 187 26.09 27.11 -36.85
C ASP E 187 26.59 26.49 -38.15
N GLN E 188 27.91 26.56 -38.37
CA GLN E 188 28.49 26.01 -39.59
C GLN E 188 28.25 24.52 -39.71
N SER E 189 28.37 23.78 -38.60
CA SER E 189 28.12 22.35 -38.61
C SER E 189 26.65 21.99 -38.77
N ASN E 190 25.75 22.98 -38.65
CA ASN E 190 24.31 22.78 -38.79
C ASN E 190 23.74 21.80 -37.76
N VAL E 191 24.45 21.60 -36.65
CA VAL E 191 23.94 20.73 -35.59
C VAL E 191 22.77 21.38 -34.88
N LEU E 192 22.86 22.68 -34.61
CA LEU E 192 21.81 23.36 -33.85
C LEU E 192 20.48 23.34 -34.59
N CYS E 193 20.50 23.59 -35.90
CA CYS E 193 19.27 23.59 -36.68
C CYS E 193 18.66 22.19 -36.73
N SER E 194 19.50 21.15 -36.81
CA SER E 194 19.00 19.79 -36.74
C SER E 194 18.34 19.52 -35.38
N ILE E 195 18.97 19.99 -34.31
CA ILE E 195 18.37 19.86 -32.98
C ILE E 195 17.13 20.72 -32.88
N PHE E 196 17.18 21.94 -33.43
CA PHE E 196 16.02 22.84 -33.37
C PHE E 196 14.83 22.24 -34.10
N GLY E 197 15.07 21.63 -35.26
CA GLY E 197 13.97 21.04 -36.01
C GLY E 197 13.33 19.87 -35.27
N ILE E 198 14.13 19.03 -34.63
CA ILE E 198 13.60 17.89 -33.91
C ILE E 198 12.73 18.36 -32.74
N CYS E 199 13.19 19.36 -32.00
CA CYS E 199 12.43 19.86 -30.86
C CYS E 199 11.12 20.48 -31.31
N MET E 200 11.12 21.24 -32.40
CA MET E 200 9.89 21.88 -32.86
C MET E 200 8.85 20.85 -33.27
N VAL E 201 9.26 19.79 -33.96
CA VAL E 201 8.32 18.74 -34.35
C VAL E 201 7.79 18.02 -33.12
N PHE E 202 8.66 17.72 -32.16
CA PHE E 202 8.22 17.07 -30.92
C PHE E 202 7.32 17.99 -30.11
N SER E 203 7.69 19.27 -29.99
CA SER E 203 6.90 20.20 -29.19
C SER E 203 5.56 20.55 -29.82
N GLY E 204 5.33 20.18 -31.07
CA GLY E 204 4.08 20.50 -31.72
C GLY E 204 3.22 19.29 -32.03
N LEU E 205 3.86 18.14 -32.24
CA LEU E 205 3.12 16.92 -32.54
C LEU E 205 2.74 16.12 -31.30
N CYS E 206 3.46 16.32 -30.19
CA CYS E 206 3.14 15.59 -28.96
C CYS E 206 1.93 16.21 -28.25
N PRO E 207 1.86 17.54 -28.09
CA PRO E 207 0.62 18.12 -27.54
C PRO E 207 -0.61 17.81 -28.38
N LEU E 208 -0.48 17.78 -29.70
CA LEU E 208 -1.60 17.39 -30.54
C LEU E 208 -2.00 15.94 -30.32
N LEU E 209 -1.02 15.04 -30.20
CA LEU E 209 -1.33 13.63 -29.99
C LEU E 209 -1.79 13.38 -28.56
N LEU E 210 -1.17 14.04 -27.58
CA LEU E 210 -1.60 13.88 -26.20
C LEU E 210 -3.02 14.38 -25.99
N GLY E 211 -3.33 15.55 -26.56
CA GLY E 211 -4.70 16.05 -26.50
C GLY E 211 -5.69 15.12 -27.16
N SER E 212 -5.29 14.45 -28.23
CA SER E 212 -6.16 13.50 -28.90
C SER E 212 -6.33 12.21 -28.10
N VAL E 213 -5.39 11.88 -27.23
CA VAL E 213 -5.53 10.68 -26.41
C VAL E 213 -6.40 10.96 -25.18
N MET E 214 -6.24 12.14 -24.58
CA MET E 214 -7.15 12.53 -23.50
C MET E 214 -8.58 12.60 -23.98
N ALA E 215 -8.80 13.04 -25.21
CA ALA E 215 -10.14 13.04 -25.78
C ALA E 215 -10.69 11.62 -25.89
N ILE E 216 -9.86 10.68 -26.34
CA ILE E 216 -10.28 9.28 -26.41
C ILE E 216 -10.43 8.69 -25.01
N GLU E 217 -9.48 9.00 -24.12
CA GLU E 217 -9.52 8.43 -22.77
C GLU E 217 -10.76 8.89 -22.01
N ARG E 218 -11.10 10.17 -22.11
CA ARG E 218 -12.27 10.67 -21.40
C ARG E 218 -13.58 10.39 -22.13
N CYS E 219 -13.52 10.01 -23.41
CA CYS E 219 -14.73 9.55 -24.08
C CYS E 219 -15.11 8.15 -23.61
N ILE E 220 -14.11 7.28 -23.39
CA ILE E 220 -14.39 5.96 -22.86
C ILE E 220 -14.84 6.03 -21.41
N GLY E 221 -14.21 6.92 -20.63
CA GLY E 221 -14.58 7.07 -19.23
C GLY E 221 -16.00 7.55 -19.03
N VAL E 222 -16.49 8.39 -19.93
CA VAL E 222 -17.85 8.93 -19.83
C VAL E 222 -18.87 8.00 -20.44
N THR E 223 -18.61 7.50 -21.65
CA THR E 223 -19.59 6.68 -22.35
C THR E 223 -19.66 5.26 -21.77
N LYS E 224 -18.52 4.71 -21.36
CA LYS E 224 -18.45 3.37 -20.79
C LYS E 224 -17.64 3.42 -19.50
N PRO E 225 -18.21 4.00 -18.43
CA PRO E 225 -17.45 4.15 -17.18
C PRO E 225 -17.01 2.84 -16.55
N ILE E 226 -17.81 1.77 -16.67
CA ILE E 226 -17.44 0.51 -16.06
C ILE E 226 -16.24 -0.12 -16.78
N PHE E 227 -16.26 -0.10 -18.10
CA PHE E 227 -15.13 -0.63 -18.86
C PHE E 227 -13.85 0.15 -18.57
N HIS E 228 -13.96 1.48 -18.50
CA HIS E 228 -12.79 2.30 -18.21
C HIS E 228 -12.24 2.01 -16.82
N SER E 229 -13.12 1.82 -15.84
CA SER E 229 -12.67 1.65 -14.46
C SER E 229 -12.05 0.27 -14.25
N THR E 230 -12.64 -0.77 -14.82
CA THR E 230 -12.20 -2.13 -14.55
C THR E 230 -11.14 -2.61 -15.54
N LYS E 231 -11.44 -2.54 -16.84
CA LYS E 231 -10.56 -3.15 -17.83
C LYS E 231 -9.28 -2.35 -18.03
N ILE E 232 -9.36 -1.03 -18.05
CA ILE E 232 -8.19 -0.19 -18.27
C ILE E 232 -7.43 -0.04 -16.95
N THR E 233 -6.13 -0.33 -16.98
CA THR E 233 -5.29 -0.29 -15.81
C THR E 233 -4.32 0.89 -15.89
N SER E 234 -3.63 1.13 -14.78
CA SER E 234 -2.67 2.23 -14.74
C SER E 234 -1.49 1.98 -15.67
N LYS E 235 -1.11 0.71 -15.88
CA LYS E 235 -0.03 0.41 -16.80
C LYS E 235 -0.40 0.79 -18.23
N HIS E 236 -1.66 0.58 -18.62
CA HIS E 236 -2.09 0.97 -19.96
C HIS E 236 -1.97 2.47 -20.17
N VAL E 237 -2.33 3.26 -19.16
CA VAL E 237 -2.24 4.71 -19.28
C VAL E 237 -0.78 5.15 -19.40
N LYS E 238 0.10 4.57 -18.60
CA LYS E 238 1.52 4.90 -18.70
C LYS E 238 2.11 4.44 -20.03
N MET E 239 1.69 3.27 -20.51
CA MET E 239 2.14 2.81 -21.82
C MET E 239 1.65 3.73 -22.93
N MET E 240 0.38 4.15 -22.85
CA MET E 240 -0.15 5.09 -23.85
C MET E 240 0.56 6.43 -23.77
N LEU E 241 0.82 6.90 -22.56
CA LEU E 241 1.56 8.15 -22.40
C LEU E 241 2.98 8.02 -22.94
N SER E 242 3.64 6.89 -22.68
CA SER E 242 4.99 6.68 -23.18
C SER E 242 4.98 6.44 -24.69
N GLY E 243 4.01 5.67 -25.18
CA GLY E 243 3.96 5.39 -26.61
C GLY E 243 3.73 6.63 -27.44
N VAL E 244 2.91 7.56 -26.94
CA VAL E 244 2.66 8.80 -27.68
C VAL E 244 3.90 9.67 -27.71
N CYS E 245 4.60 9.81 -26.58
CA CYS E 245 5.81 10.62 -26.54
C CYS E 245 6.90 10.04 -27.43
N LEU E 246 7.07 8.71 -27.41
CA LEU E 246 8.08 8.08 -28.25
C LEU E 246 7.71 8.22 -29.73
N PHE E 247 6.42 8.08 -30.06
CA PHE E 247 6.01 8.22 -31.45
C PHE E 247 6.27 9.62 -31.98
N ALA E 248 6.07 10.64 -31.13
CA ALA E 248 6.40 12.00 -31.52
C ALA E 248 7.89 12.17 -31.77
N VAL E 249 8.71 11.53 -30.93
CA VAL E 249 10.16 11.59 -31.12
C VAL E 249 10.54 10.89 -32.42
N PHE E 250 9.93 9.73 -32.70
CA PHE E 250 10.25 8.99 -33.92
C PHE E 250 9.95 9.81 -35.16
N ILE E 251 8.80 10.49 -35.19
CA ILE E 251 8.46 11.34 -36.32
C ILE E 251 9.43 12.52 -36.40
N ALA E 252 9.85 13.04 -35.25
CA ALA E 252 10.81 14.14 -35.24
C ALA E 252 12.14 13.72 -35.83
N LEU E 253 12.59 12.50 -35.52
CA LEU E 253 13.85 11.99 -36.01
C LEU E 253 13.76 11.41 -37.42
N LEU E 254 12.56 11.36 -38.00
CA LEU E 254 12.40 10.74 -39.32
C LEU E 254 13.21 11.42 -40.41
N PRO E 255 13.23 12.76 -40.53
CA PRO E 255 14.11 13.37 -41.55
C PRO E 255 15.58 13.04 -41.36
N ILE E 256 16.04 12.93 -40.10
CA ILE E 256 17.45 12.61 -39.86
C ILE E 256 17.78 11.22 -40.38
N LEU E 257 16.90 10.24 -40.10
CA LEU E 257 17.13 8.88 -40.57
C LEU E 257 16.84 8.72 -42.06
N GLY E 258 16.19 9.69 -42.69
CA GLY E 258 15.90 9.62 -44.11
C GLY E 258 16.89 10.40 -44.96
N HIS E 259 18.05 10.70 -44.38
CA HIS E 259 19.16 11.44 -44.99
C HIS E 259 18.81 12.90 -45.26
N ARG E 260 17.61 13.36 -44.90
CA ARG E 260 17.24 14.75 -45.05
C ARG E 260 17.65 15.53 -43.79
N ASP E 261 17.42 16.84 -43.83
CA ASP E 261 17.73 17.70 -42.68
C ASP E 261 16.75 18.85 -42.64
N TYR E 262 16.49 19.35 -41.44
CA TYR E 262 15.64 20.52 -41.28
C TYR E 262 16.37 21.78 -41.75
N LYS E 263 15.67 22.61 -42.49
CA LYS E 263 16.23 23.82 -43.08
C LYS E 263 15.74 25.05 -42.35
N ILE E 264 16.53 26.12 -42.40
CA ILE E 264 16.15 27.37 -41.77
C ILE E 264 15.01 28.01 -42.55
N GLN E 265 13.99 28.47 -41.84
CA GLN E 265 12.81 29.03 -42.49
C GLN E 265 13.09 30.46 -42.98
N ALA E 266 12.09 31.07 -43.60
CA ALA E 266 12.26 32.39 -44.20
C ALA E 266 12.58 33.44 -43.15
N SER E 267 11.94 33.36 -41.98
CA SER E 267 12.20 34.32 -40.91
C SER E 267 13.61 34.17 -40.35
N ARG E 268 14.28 33.04 -40.62
CA ARG E 268 15.65 32.79 -40.14
C ARG E 268 15.73 32.87 -38.61
N THR E 269 14.66 32.42 -37.94
CA THR E 269 14.63 32.37 -36.49
C THR E 269 14.24 31.01 -35.94
N TRP E 270 13.58 30.16 -36.72
CA TRP E 270 13.18 28.82 -36.28
C TRP E 270 13.46 27.84 -37.41
N CYS E 271 13.94 26.65 -37.03
CA CYS E 271 14.22 25.60 -37.99
C CYS E 271 13.09 24.58 -38.02
N PHE E 272 12.79 24.08 -39.21
CA PHE E 272 11.64 23.22 -39.45
C PHE E 272 11.84 22.56 -40.81
N TYR E 273 10.80 21.88 -41.29
CA TYR E 273 10.87 21.28 -42.62
C TYR E 273 11.08 22.36 -43.68
N ASN E 274 11.85 22.02 -44.71
CA ASN E 274 12.09 22.97 -45.80
C ASN E 274 10.80 23.17 -46.60
N THR E 275 10.45 24.43 -46.83
CA THR E 275 9.21 24.78 -47.51
C THR E 275 9.41 25.62 -48.78
N GLU E 276 10.63 26.09 -49.04
CA GLU E 276 10.90 26.94 -50.19
C GLU E 276 11.50 26.08 -51.31
N ASP E 277 10.80 26.07 -52.46
CA ASP E 277 11.27 25.37 -53.66
C ASP E 277 11.52 23.89 -53.39
N ILE E 278 10.45 23.20 -53.02
CA ILE E 278 10.52 21.76 -52.79
C ILE E 278 10.40 21.04 -54.14
N LYS E 279 11.36 20.17 -54.43
CA LYS E 279 11.39 19.44 -55.69
C LYS E 279 11.19 17.94 -55.51
N ASP E 280 12.01 17.30 -54.67
CA ASP E 280 11.92 15.87 -54.47
C ASP E 280 10.64 15.52 -53.73
N TRP E 281 10.06 14.36 -54.09
CA TRP E 281 8.81 13.94 -53.46
C TRP E 281 8.99 13.65 -51.98
N GLU E 282 10.19 13.27 -51.55
CA GLU E 282 10.43 13.05 -50.13
C GLU E 282 10.41 14.36 -49.36
N ASP E 283 10.86 15.46 -49.97
CA ASP E 283 10.84 16.75 -49.30
C ASP E 283 9.40 17.20 -49.03
N ARG E 284 8.51 17.01 -49.99
CA ARG E 284 7.11 17.38 -49.80
C ARG E 284 6.34 16.34 -49.00
N PHE E 285 6.88 15.12 -48.88
CA PHE E 285 6.21 14.09 -48.08
C PHE E 285 6.24 14.43 -46.59
N TYR E 286 7.36 14.98 -46.11
CA TYR E 286 7.47 15.29 -44.69
C TYR E 286 6.50 16.39 -44.28
N LEU E 287 6.31 17.39 -45.14
CA LEU E 287 5.32 18.42 -44.85
C LEU E 287 3.92 17.83 -44.79
N LEU E 288 3.58 16.93 -45.71
CA LEU E 288 2.26 16.30 -45.69
C LEU E 288 2.10 15.41 -44.48
N LEU E 289 3.15 14.68 -44.10
CA LEU E 289 3.06 13.78 -42.95
C LEU E 289 2.83 14.54 -41.67
N PHE E 290 3.54 15.66 -41.47
CA PHE E 290 3.34 16.47 -40.28
C PHE E 290 1.94 17.08 -40.26
N SER E 291 1.47 17.56 -41.41
CA SER E 291 0.14 18.17 -41.47
C SER E 291 -0.95 17.12 -41.30
N PHE E 292 -0.78 15.95 -41.92
CA PHE E 292 -1.79 14.89 -41.81
C PHE E 292 -1.91 14.42 -40.37
N LEU E 293 -0.78 14.20 -39.69
CA LEU E 293 -0.83 13.79 -38.29
C LEU E 293 -1.44 14.87 -37.42
N GLY E 294 -1.11 16.13 -37.69
CA GLY E 294 -1.73 17.22 -36.94
C GLY E 294 -3.22 17.32 -37.17
N LEU E 295 -3.65 17.13 -38.42
CA LEU E 295 -5.08 17.20 -38.71
C LEU E 295 -5.81 15.97 -38.22
N LEU E 296 -5.19 14.78 -38.35
CA LEU E 296 -5.83 13.56 -37.87
C LEU E 296 -6.00 13.61 -36.35
N ALA E 297 -4.97 14.05 -35.63
CA ALA E 297 -5.09 14.21 -34.19
C ALA E 297 -6.13 15.26 -33.83
N LEU E 298 -6.17 16.36 -34.59
CA LEU E 298 -7.18 17.39 -34.37
C LEU E 298 -8.58 16.85 -34.67
N GLY E 299 -8.72 16.06 -35.73
CA GLY E 299 -10.02 15.51 -36.07
C GLY E 299 -10.51 14.49 -35.05
N VAL E 300 -9.61 13.65 -34.56
CA VAL E 300 -10.00 12.66 -33.55
C VAL E 300 -10.37 13.35 -32.25
N SER E 301 -9.67 14.43 -31.89
CA SER E 301 -10.00 15.18 -30.70
C SER E 301 -11.41 15.75 -30.78
N LEU E 302 -11.78 16.33 -31.93
CA LEU E 302 -13.12 16.88 -32.09
C LEU E 302 -14.18 15.78 -32.03
N LEU E 303 -13.93 14.65 -32.70
CA LEU E 303 -14.92 13.58 -32.73
C LEU E 303 -15.19 13.02 -31.35
N CYS E 304 -14.15 12.82 -30.55
CA CYS E 304 -14.32 12.26 -29.22
C CYS E 304 -14.86 13.28 -28.23
N ASN E 305 -14.43 14.53 -28.33
CA ASN E 305 -14.97 15.57 -27.45
C ASN E 305 -16.43 15.84 -27.74
N ALA E 306 -16.82 15.82 -29.01
CA ALA E 306 -18.23 16.01 -29.36
C ALA E 306 -19.09 14.88 -28.83
N ILE E 307 -18.61 13.63 -28.93
CA ILE E 307 -19.36 12.50 -28.40
C ILE E 307 -19.52 12.61 -26.89
N THR E 308 -18.44 12.97 -26.19
CA THR E 308 -18.52 13.15 -24.75
C THR E 308 -19.47 14.28 -24.38
N GLY E 309 -19.40 15.40 -25.10
CA GLY E 309 -20.26 16.53 -24.81
C GLY E 309 -21.73 16.21 -25.05
N ILE E 310 -22.02 15.49 -26.14
CA ILE E 310 -23.40 15.09 -26.41
C ILE E 310 -23.91 14.13 -25.35
N THR E 311 -23.08 13.15 -24.96
CA THR E 311 -23.51 12.17 -23.97
C THR E 311 -23.82 12.82 -22.63
N LEU E 312 -22.97 13.76 -22.20
CA LEU E 312 -23.19 14.43 -20.92
C LEU E 312 -24.50 15.22 -20.93
N LEU E 313 -24.77 15.95 -22.02
CA LEU E 313 -26.00 16.72 -22.09
C LEU E 313 -27.22 15.81 -22.11
N ARG E 314 -27.13 14.69 -22.82
CA ARG E 314 -28.23 13.73 -22.81
C ARG E 314 -28.44 13.13 -21.42
N VAL E 315 -27.34 12.78 -20.74
CA VAL E 315 -27.45 12.18 -19.42
C VAL E 315 -27.92 13.22 -18.40
N LYS E 316 -27.41 14.45 -18.50
CA LYS E 316 -27.81 15.49 -17.56
C LYS E 316 -29.30 15.78 -17.65
N PHE E 317 -29.83 15.85 -18.87
CA PHE E 317 -31.25 16.15 -19.06
C PHE E 317 -32.06 14.87 -19.18
N SER E 327 -24.74 17.17 -12.02
CA SER E 327 -24.15 18.16 -11.12
C SER E 327 -22.93 18.81 -11.75
N HIS E 328 -21.96 17.99 -12.13
CA HIS E 328 -20.74 18.45 -12.77
C HIS E 328 -20.80 18.34 -14.29
N HIS E 329 -21.97 17.99 -14.85
CA HIS E 329 -22.07 17.80 -16.29
C HIS E 329 -21.84 19.10 -17.06
N LEU E 330 -22.47 20.18 -16.61
CA LEU E 330 -22.33 21.46 -17.32
C LEU E 330 -20.92 22.03 -17.18
N GLU E 331 -20.30 21.84 -16.00
CA GLU E 331 -18.93 22.29 -15.83
C GLU E 331 -17.98 21.56 -16.78
N MET E 332 -18.19 20.25 -16.96
CA MET E 332 -17.36 19.49 -17.88
C MET E 332 -17.63 19.89 -19.33
N VAL E 333 -18.88 20.14 -19.68
CA VAL E 333 -19.22 20.49 -21.06
C VAL E 333 -18.56 21.79 -21.47
N ILE E 334 -18.54 22.79 -20.58
CA ILE E 334 -17.85 24.03 -20.88
C ILE E 334 -16.36 23.77 -21.08
N GLN E 335 -15.80 22.84 -20.32
CA GLN E 335 -14.40 22.47 -20.51
C GLN E 335 -14.19 21.83 -21.89
N LEU E 336 -15.10 20.96 -22.30
CA LEU E 336 -14.96 20.31 -23.61
C LEU E 336 -15.06 21.31 -24.75
N LEU E 337 -16.02 22.24 -24.67
CA LEU E 337 -16.16 23.26 -25.71
C LEU E 337 -14.95 24.17 -25.75
N ALA E 338 -14.42 24.55 -24.58
CA ALA E 338 -13.23 25.39 -24.55
C ALA E 338 -12.02 24.67 -25.13
N ILE E 339 -11.92 23.37 -24.89
CA ILE E 339 -10.81 22.59 -25.46
C ILE E 339 -10.92 22.54 -26.98
N MET E 340 -12.12 22.27 -27.49
CA MET E 340 -12.31 22.17 -28.94
C MET E 340 -12.01 23.49 -29.64
N CYS E 341 -12.46 24.60 -29.06
CA CYS E 341 -12.23 25.91 -29.68
C CYS E 341 -10.75 26.26 -29.69
N VAL E 342 -10.07 26.08 -28.55
CA VAL E 342 -8.66 26.47 -28.48
C VAL E 342 -7.80 25.54 -29.34
N SER E 343 -8.12 24.24 -29.34
CA SER E 343 -7.29 23.28 -30.06
C SER E 343 -7.33 23.53 -31.56
N CYS E 344 -8.50 23.85 -32.11
CA CYS E 344 -8.65 24.00 -33.55
C CYS E 344 -8.31 25.41 -34.04
N ILE E 345 -8.71 26.45 -33.31
CA ILE E 345 -8.42 27.82 -33.75
C ILE E 345 -6.93 28.08 -33.75
N CYS E 346 -6.20 27.52 -32.78
CA CYS E 346 -4.78 27.80 -32.66
C CYS E 346 -3.94 27.02 -33.68
N TRP E 347 -4.33 25.78 -33.98
CA TRP E 347 -3.49 24.91 -34.79
C TRP E 347 -3.86 24.87 -36.27
N SER E 348 -5.15 25.04 -36.60
CA SER E 348 -5.57 24.94 -38.00
C SER E 348 -4.86 25.93 -38.93
N PRO E 349 -4.65 27.19 -38.58
CA PRO E 349 -3.91 28.08 -39.49
C PRO E 349 -2.52 27.59 -39.84
N PHE E 350 -1.87 26.85 -38.94
CA PHE E 350 -0.55 26.30 -39.25
C PHE E 350 -0.63 24.96 -39.97
N LEU E 351 -1.57 24.10 -39.57
CA LEU E 351 -1.70 22.81 -40.23
C LEU E 351 -2.15 22.96 -41.69
N VAL E 352 -3.03 23.94 -41.95
CA VAL E 352 -3.45 24.20 -43.32
C VAL E 352 -2.29 24.78 -44.13
N THR E 353 -1.50 25.65 -43.52
CA THR E 353 -0.37 26.25 -44.23
C THR E 353 0.63 25.20 -44.68
N MET E 354 0.95 24.24 -43.81
CA MET E 354 1.85 23.16 -44.22
C MET E 354 1.24 22.30 -45.30
N ALA E 355 -0.06 22.01 -45.20
CA ALA E 355 -0.74 21.24 -46.24
C ALA E 355 -0.75 21.99 -47.57
N ASN E 356 -0.98 23.30 -47.52
CA ASN E 356 -0.97 24.10 -48.74
C ASN E 356 0.41 24.09 -49.38
N ILE E 357 1.47 24.25 -48.58
CA ILE E 357 2.83 24.22 -49.11
C ILE E 357 3.18 22.82 -49.58
N GLY E 358 2.73 21.79 -48.86
CA GLY E 358 3.02 20.43 -49.25
C GLY E 358 2.43 20.03 -50.59
N ILE E 359 1.26 20.58 -50.92
CA ILE E 359 0.58 20.23 -52.16
C ILE E 359 0.96 21.19 -53.28
N ASN E 360 0.75 22.48 -53.06
CA ASN E 360 0.99 23.48 -54.09
C ASN E 360 2.46 23.86 -54.24
N GLY E 361 3.32 23.49 -53.29
CA GLY E 361 4.73 23.81 -53.41
C GLY E 361 4.98 25.30 -53.36
N ASN E 362 5.91 25.75 -54.20
CA ASN E 362 6.24 27.17 -54.26
C ASN E 362 5.16 28.00 -54.96
N HIS E 363 4.28 27.36 -55.73
CA HIS E 363 3.21 28.09 -56.39
C HIS E 363 2.19 28.66 -55.42
N SER E 364 2.13 28.12 -54.21
CA SER E 364 1.21 28.64 -53.20
C SER E 364 1.65 30.02 -52.73
N LEU E 365 0.69 30.91 -52.53
CA LEU E 365 0.98 32.26 -52.04
C LEU E 365 1.05 32.28 -50.52
N GLU E 366 1.88 31.41 -49.96
CA GLU E 366 2.09 31.32 -48.52
C GLU E 366 3.31 32.16 -48.18
N THR E 367 3.09 33.44 -47.92
CA THR E 367 4.18 34.36 -47.64
C THR E 367 4.77 34.06 -46.26
N CYS E 368 5.93 34.68 -45.99
CA CYS E 368 6.58 34.50 -44.70
C CYS E 368 5.72 35.03 -43.57
N GLU E 369 5.02 36.14 -43.79
CA GLU E 369 4.14 36.70 -42.76
C GLU E 369 3.00 35.75 -42.44
N THR E 370 2.42 35.12 -43.46
CA THR E 370 1.33 34.17 -43.22
C THR E 370 1.81 32.96 -42.44
N THR E 371 2.98 32.42 -42.80
CA THR E 371 3.49 31.25 -42.10
C THR E 371 3.93 31.60 -40.68
N LEU E 372 4.58 32.75 -40.50
CA LEU E 372 5.03 33.15 -39.16
C LEU E 372 3.84 33.40 -38.23
N PHE E 373 2.79 34.05 -38.74
CA PHE E 373 1.62 34.30 -37.91
C PHE E 373 0.94 33.01 -37.50
N ALA E 374 0.83 32.06 -38.44
CA ALA E 374 0.22 30.77 -38.11
C ALA E 374 1.05 30.00 -37.09
N LEU E 375 2.36 30.21 -37.09
CA LEU E 375 3.21 29.57 -36.07
C LEU E 375 2.89 30.08 -34.68
N ARG E 376 2.69 31.40 -34.54
CA ARG E 376 2.46 31.98 -33.22
C ARG E 376 1.08 31.60 -32.69
N MET E 377 0.10 31.41 -33.56
CA MET E 377 -1.19 30.89 -33.11
C MET E 377 -1.04 29.48 -32.56
N ALA E 378 -0.26 28.63 -33.24
CA ALA E 378 -0.06 27.26 -32.77
C ALA E 378 0.68 27.23 -31.45
N THR E 379 1.50 28.24 -31.16
CA THR E 379 2.19 28.31 -29.88
C THR E 379 1.20 28.48 -28.74
N TRP E 380 0.16 29.29 -28.94
CA TRP E 380 -0.79 29.58 -27.88
C TRP E 380 -1.63 28.36 -27.50
N ASN E 381 -1.66 27.33 -28.33
CA ASN E 381 -2.30 26.08 -27.92
C ASN E 381 -1.57 25.46 -26.73
N GLN E 382 -0.23 25.51 -26.75
CA GLN E 382 0.55 24.98 -25.64
C GLN E 382 0.49 25.91 -24.43
N ILE E 383 0.30 27.21 -24.67
CA ILE E 383 0.15 28.16 -23.55
C ILE E 383 -1.18 27.95 -22.86
N LEU E 384 -2.24 27.72 -23.64
CA LEU E 384 -3.59 27.58 -23.10
C LEU E 384 -3.93 26.15 -22.72
N ASP E 385 -3.06 25.18 -23.01
CA ASP E 385 -3.31 23.81 -22.56
C ASP E 385 -3.39 23.70 -21.04
N PRO E 386 -2.47 24.27 -20.25
CA PRO E 386 -2.65 24.18 -18.79
C PRO E 386 -3.94 24.83 -18.29
N TRP E 387 -4.35 25.94 -18.91
CA TRP E 387 -5.53 26.65 -18.44
C TRP E 387 -6.81 25.90 -18.82
N VAL E 388 -6.97 25.59 -20.10
CA VAL E 388 -8.20 25.00 -20.57
C VAL E 388 -8.36 23.56 -20.08
N TYR E 389 -7.27 22.88 -19.74
CA TYR E 389 -7.37 21.52 -19.22
C TYR E 389 -7.43 21.48 -17.70
N ILE E 390 -6.65 22.33 -17.01
CA ILE E 390 -6.53 22.23 -15.56
C ILE E 390 -6.93 23.52 -14.87
N LEU E 391 -6.22 24.61 -15.17
CA LEU E 391 -6.29 25.80 -14.34
C LEU E 391 -7.66 26.47 -14.37
N LEU E 392 -8.29 26.55 -15.53
CA LEU E 392 -9.59 27.21 -15.65
C LEU E 392 -10.74 26.30 -15.21
N ARG E 393 -10.63 25.84 -13.97
CA ARG E 393 -11.65 25.00 -13.36
C ARG E 393 -12.17 25.65 -12.09
N LYS E 394 -13.43 25.36 -11.76
CA LYS E 394 -14.07 26.03 -10.62
C LYS E 394 -13.34 25.72 -9.33
N ALA E 395 -12.97 24.45 -9.11
CA ALA E 395 -12.24 24.09 -7.90
C ALA E 395 -10.85 24.73 -7.89
N VAL E 396 -10.17 24.75 -9.04
CA VAL E 396 -8.82 25.28 -9.10
C VAL E 396 -8.80 26.79 -8.81
N LEU E 397 -9.76 27.52 -9.38
CA LEU E 397 -9.80 28.96 -9.19
C LEU E 397 -10.02 29.32 -7.72
N LYS E 398 -10.86 28.56 -7.03
CA LYS E 398 -11.06 28.79 -5.59
C LYS E 398 -9.77 28.55 -4.81
N ASN E 399 -9.04 27.49 -5.17
CA ASN E 399 -7.76 27.22 -4.51
C ASN E 399 -6.75 28.32 -4.79
N LEU E 400 -6.69 28.79 -6.04
CA LEU E 400 -5.79 29.90 -6.37
C LEU E 400 -6.23 31.18 -5.69
N TYR E 401 -7.55 31.42 -5.61
CA TYR E 401 -8.04 32.61 -4.92
C TYR E 401 -7.68 32.57 -3.44
N LYS E 402 -7.86 31.41 -2.79
CA LYS E 402 -7.50 31.28 -1.39
C LYS E 402 -6.00 31.43 -1.19
N LEU E 403 -5.20 30.87 -2.10
CA LEU E 403 -3.75 30.97 -1.98
C LEU E 403 -3.29 32.42 -2.10
N ALA E 404 -3.90 33.18 -3.00
CA ALA E 404 -3.53 34.58 -3.15
C ALA E 404 -3.84 35.39 -1.88
N SER E 405 -4.99 35.12 -1.27
CA SER E 405 -5.34 35.82 -0.04
C SER E 405 -4.35 35.53 1.09
N GLN E 406 -3.95 34.27 1.22
CA GLN E 406 -3.00 33.88 2.26
C GLN E 406 -1.60 34.37 1.92
C10 7WT F . 6.23 24.99 -28.67
C13 7WT F . 5.03 24.69 -32.60
C15 7WT F . 5.47 22.89 -34.25
C17 7WT F . 4.34 24.92 -34.96
C20 7WT F . 9.08 29.52 -30.77
C21 7WT F . 10.36 29.30 -31.41
C22 7WT F . 10.93 30.23 -32.20
C24 7WT F . 9.70 31.77 -33.88
C26 7WT F . 9.70 34.42 -33.90
C02 7WT F . 9.30 30.61 -28.33
C03 7WT F . 9.10 29.31 -29.22
C04 7WT F . 7.76 28.77 -28.72
C05 7WT F . 7.81 29.06 -27.17
C06 7WT F . 8.82 30.23 -26.93
C08 7WT F . 7.58 27.26 -29.13
C09 7WT F . 6.60 26.47 -28.24
C11 7WT F . 6.30 24.72 -30.22
C12 7WT F . 5.12 25.24 -31.12
C14 7WT F . 5.55 23.42 -32.94
C16 7WT F . 4.87 23.65 -35.27
C18 7WT F . 4.43 25.42 -33.65
C23 7WT F . 10.33 31.56 -32.45
C25 7WT F . 8.89 33.07 -34.10
O01 7WT F . 8.51 31.70 -28.78
O07 7WT F . 6.58 29.46 -26.70
O19 7WT F . 4.96 24.68 -28.19
O27 7WT F . 9.20 35.35 -33.19
O28 7WT F . 10.83 34.55 -34.45
#